data_5B86
#
_entry.id   5B86
#
_cell.length_a   91.410
_cell.length_b   107.829
_cell.length_c   229.580
_cell.angle_alpha   90.00
_cell.angle_beta   90.00
_cell.angle_gamma   90.00
#
_symmetry.space_group_name_H-M   'P 21 21 21'
#
loop_
_entity.id
_entity.type
_entity.pdbx_description
1 polymer 'Tumor necrosis factor alpha-induced protein 2'
2 water water
#
_entity_poly.entity_id   1
_entity_poly.type   'polypeptide(L)'
_entity_poly.pdbx_seq_one_letter_code
;GPLSDLEVQPKPRPELDGPLPTVEELKEALEHGRLEVAWQVLALERQLEAAAAAGG(MSE)SNEELVWRQSKVEALYVLL
CDQVLGVLRRPLEAAPERLSQALAVVSQEELEDRRASGGPLAAALEATRPRRWLQRWRGVVAEVAAERLDAQPATAPEGR
SEAESRFLH(MSE)GRT(MSE)KEDLEVVVERLKPLFPDEFNVVRTYAESYHYHFASHLCALAQFELCERDTYLLLLWVQ
NLYPNDILNSPKLAQELQGVGLGSLLPPKQIRLLEA(MSE)FLSNEVTSVKQL(MSE)ARALELESQRWTQDVAPQSLDG
HCHSELAIDILQIISQGQTKAENITSDVG(MSE)QIKQLLLVELAALLRSYQRAFDEFLEKSKLLRNYRVNI(MSE)ANI
NNCLFFWTSVEQKWQISHDSLNRLLEPLKDLKAHGFDTLLQSLFLDLKPLFKKFTQTRWANPVETLEEIITTVSSSLPEF
SELQDCFREEL(MSE)ETVHLHLVKEYIIRLCKRRLVLKTAEQQQQLARHILANADAIQGFCTENGSTATWLHRALP
(MSE)IAEIIRLQDSSAIKIEVATYATWYPDFSKGHLNAILAIKGNLPSSEVRSIRNILDINTGVQEPPRPLFSLIKVT
;
_entity_poly.pdbx_strand_id   A,B
#
# COMPACT_ATOMS: atom_id res chain seq x y z
N ASP A 17 32.94 29.80 -65.41
CA ASP A 17 33.32 29.11 -64.18
C ASP A 17 34.48 28.12 -64.38
N GLY A 18 34.54 27.08 -63.54
CA GLY A 18 35.63 26.11 -63.53
C GLY A 18 35.47 24.96 -64.51
N PRO A 19 36.13 23.81 -64.24
CA PRO A 19 36.98 23.46 -63.09
C PRO A 19 38.36 24.10 -63.06
N LEU A 20 39.18 23.61 -62.11
CA LEU A 20 40.55 24.10 -61.94
C LEU A 20 41.57 23.12 -62.52
N PRO A 21 42.33 23.59 -63.51
CA PRO A 21 43.30 22.71 -64.18
C PRO A 21 44.39 22.23 -63.21
N THR A 22 45.46 23.00 -63.08
CA THR A 22 46.62 22.54 -62.35
C THR A 22 46.26 22.23 -60.91
N VAL A 23 46.85 21.16 -60.41
CA VAL A 23 46.76 20.78 -59.01
C VAL A 23 47.28 21.89 -58.09
N GLU A 24 48.23 22.68 -58.60
CA GLU A 24 48.70 23.85 -57.88
C GLU A 24 47.52 24.78 -57.60
N GLU A 25 46.73 25.04 -58.64
CA GLU A 25 45.60 25.95 -58.55
C GLU A 25 44.62 25.46 -57.51
N LEU A 26 44.24 24.20 -57.65
CA LEU A 26 43.35 23.55 -56.71
C LEU A 26 43.83 23.67 -55.26
N LYS A 27 45.09 23.31 -55.01
CA LYS A 27 45.63 23.36 -53.67
C LYS A 27 45.48 24.77 -53.17
N GLU A 28 45.65 25.71 -54.09
CA GLU A 28 45.61 27.10 -53.71
C GLU A 28 44.19 27.51 -53.31
N ALA A 29 43.22 26.88 -53.96
CA ALA A 29 41.81 27.16 -53.68
C ALA A 29 41.41 26.59 -52.33
N LEU A 30 41.88 25.39 -52.02
CA LEU A 30 41.65 24.81 -50.71
C LEU A 30 42.32 25.66 -49.64
N GLU A 31 43.48 26.19 -49.97
CA GLU A 31 44.22 26.96 -48.99
C GLU A 31 43.52 28.26 -48.65
N HIS A 32 42.74 28.77 -49.59
CA HIS A 32 41.93 29.95 -49.33
C HIS A 32 40.55 29.52 -48.94
N GLY A 33 40.46 28.32 -48.36
CA GLY A 33 39.20 27.80 -47.85
C GLY A 33 38.15 27.33 -48.85
N ARG A 34 38.13 27.87 -50.06
CA ARG A 34 37.04 27.60 -51.01
C ARG A 34 36.85 26.09 -51.25
N LEU A 35 35.64 25.58 -51.05
CA LEU A 35 35.39 24.16 -51.19
C LEU A 35 34.43 23.79 -52.32
N GLU A 36 34.17 24.69 -53.27
CA GLU A 36 33.49 24.28 -54.51
C GLU A 36 34.34 23.15 -55.03
N VAL A 37 35.64 23.39 -55.04
CA VAL A 37 36.57 22.52 -55.72
C VAL A 37 36.83 21.20 -55.00
N ALA A 38 36.21 21.00 -53.85
CA ALA A 38 36.41 19.77 -53.10
C ALA A 38 36.11 18.55 -53.97
N TRP A 39 35.07 18.65 -54.79
CA TRP A 39 34.71 17.55 -55.67
C TRP A 39 35.86 17.12 -56.55
N GLN A 40 36.55 18.07 -57.14
CA GLN A 40 37.71 17.78 -57.96
C GLN A 40 38.77 16.94 -57.22
N VAL A 41 38.97 17.23 -55.94
CA VAL A 41 39.99 16.50 -55.19
C VAL A 41 39.65 15.02 -55.20
N LEU A 42 38.36 14.66 -55.16
CA LEU A 42 37.98 13.26 -55.22
C LEU A 42 38.18 12.76 -56.64
N ALA A 43 37.87 13.62 -57.60
CA ALA A 43 37.95 13.25 -59.01
C ALA A 43 39.33 12.73 -59.29
N LEU A 44 40.35 13.50 -58.91
CA LEU A 44 41.74 13.05 -59.00
C LEU A 44 41.91 11.61 -58.54
N GLU A 45 41.51 11.34 -57.29
CA GLU A 45 41.64 10.01 -56.75
C GLU A 45 40.93 9.04 -57.69
N ARG A 46 39.68 9.32 -58.03
CA ARG A 46 38.96 8.44 -58.94
C ARG A 46 39.77 8.25 -60.23
N GLN A 47 40.31 9.35 -60.76
CA GLN A 47 41.09 9.32 -61.99
C GLN A 47 42.34 8.48 -61.83
N LEU A 48 42.97 8.61 -60.67
CA LEU A 48 44.13 7.80 -60.39
C LEU A 48 43.74 6.34 -60.46
N GLU A 49 42.62 6.00 -59.80
CA GLU A 49 42.14 4.63 -59.77
C GLU A 49 41.94 4.16 -61.20
N ALA A 50 41.49 5.08 -62.04
CA ALA A 50 41.32 4.81 -63.45
C ALA A 50 42.67 4.53 -64.08
N ALA A 51 43.56 5.53 -64.02
CA ALA A 51 44.84 5.51 -64.74
C ALA A 51 45.72 4.31 -64.35
N ALA A 52 45.65 3.94 -63.07
CA ALA A 52 46.26 2.72 -62.59
C ALA A 52 45.69 1.52 -63.34
N ALA A 53 44.39 1.29 -63.19
CA ALA A 53 43.76 0.10 -63.75
C ALA A 53 43.84 0.06 -65.27
N ALA A 54 44.38 1.11 -65.88
CA ALA A 54 44.69 1.11 -67.30
C ALA A 54 45.98 0.36 -67.55
N GLY A 55 46.59 -0.12 -66.47
CA GLY A 55 47.86 -0.82 -66.54
C GLY A 55 48.99 0.11 -66.90
N GLY A 56 48.95 0.63 -68.13
CA GLY A 56 49.98 1.49 -68.66
C GLY A 56 50.20 2.75 -67.84
N MSE A 57 51.13 2.65 -66.89
CA MSE A 57 51.46 3.74 -65.97
C MSE A 57 52.55 3.27 -65.04
O MSE A 57 52.40 2.26 -64.36
CB MSE A 57 50.24 4.18 -65.16
CG MSE A 57 49.71 5.54 -65.54
SE MSE A 57 50.19 7.00 -64.30
CE MSE A 57 50.07 8.47 -65.59
N SER A 58 53.62 4.05 -64.98
CA SER A 58 54.77 3.72 -64.13
C SER A 58 54.37 3.59 -62.66
N ASN A 59 55.03 2.69 -61.94
CA ASN A 59 54.86 2.63 -60.49
C ASN A 59 55.50 3.84 -59.86
N GLU A 60 56.65 4.23 -60.40
CA GLU A 60 57.33 5.44 -59.95
C GLU A 60 56.48 6.70 -60.17
N GLU A 61 55.47 6.59 -61.03
CA GLU A 61 54.61 7.72 -61.34
C GLU A 61 53.37 7.59 -60.48
N LEU A 62 52.88 6.37 -60.35
CA LEU A 62 51.75 6.09 -59.47
C LEU A 62 52.01 6.68 -58.13
N VAL A 63 53.14 6.36 -57.52
CA VAL A 63 53.45 6.89 -56.21
C VAL A 63 53.43 8.41 -56.16
N TRP A 64 53.96 9.04 -57.19
CA TRP A 64 53.98 10.50 -57.26
C TRP A 64 52.56 11.05 -57.19
N ARG A 65 51.79 10.61 -58.17
CA ARG A 65 50.41 11.05 -58.31
C ARG A 65 49.59 10.76 -57.05
N GLN A 66 49.85 9.65 -56.39
CA GLN A 66 49.09 9.33 -55.19
C GLN A 66 49.52 10.16 -53.99
N SER A 67 50.81 10.39 -53.82
CA SER A 67 51.27 11.29 -52.77
C SER A 67 50.65 12.65 -52.93
N LYS A 68 50.48 13.06 -54.19
CA LYS A 68 49.87 14.35 -54.44
C LYS A 68 48.37 14.32 -54.11
N VAL A 69 47.67 13.27 -54.53
CA VAL A 69 46.26 13.12 -54.13
C VAL A 69 46.17 13.21 -52.60
N GLU A 70 46.79 12.29 -51.88
CA GLU A 70 46.55 12.23 -50.45
C GLU A 70 47.01 13.50 -49.73
N ALA A 71 47.98 14.22 -50.29
CA ALA A 71 48.37 15.48 -49.68
C ALA A 71 47.27 16.51 -49.85
N LEU A 72 46.70 16.55 -51.05
CA LEU A 72 45.57 17.44 -51.30
C LEU A 72 44.43 17.09 -50.33
N TYR A 73 44.18 15.79 -50.16
CA TYR A 73 43.10 15.28 -49.30
C TYR A 73 43.32 15.58 -47.80
N VAL A 74 44.56 15.53 -47.33
CA VAL A 74 44.87 16.05 -46.00
C VAL A 74 44.43 17.49 -45.88
N LEU A 75 44.84 18.31 -46.85
CA LEU A 75 44.45 19.71 -46.79
C LEU A 75 42.94 19.88 -46.71
N LEU A 76 42.23 19.18 -47.60
CA LEU A 76 40.77 19.26 -47.69
C LEU A 76 40.16 18.95 -46.36
N CYS A 77 40.50 17.79 -45.81
CA CYS A 77 40.19 17.51 -44.43
C CYS A 77 40.33 18.74 -43.54
N ASP A 78 41.56 19.16 -43.28
CA ASP A 78 41.78 20.25 -42.34
C ASP A 78 40.92 21.50 -42.59
N GLN A 79 40.53 21.74 -43.84
CA GLN A 79 39.55 22.82 -44.12
C GLN A 79 38.15 22.48 -43.64
N VAL A 80 37.68 21.27 -43.93
CA VAL A 80 36.34 20.88 -43.49
C VAL A 80 36.23 20.89 -41.99
N LEU A 81 37.05 20.08 -41.33
CA LEU A 81 37.05 20.08 -39.89
C LEU A 81 37.24 21.50 -39.35
N GLY A 82 38.24 22.23 -39.82
CA GLY A 82 38.39 23.63 -39.47
C GLY A 82 37.08 24.40 -39.43
N VAL A 83 36.25 24.21 -40.44
CA VAL A 83 34.92 24.80 -40.42
C VAL A 83 34.04 24.25 -39.31
N LEU A 84 33.90 22.91 -39.24
CA LEU A 84 32.92 22.26 -38.38
C LEU A 84 33.20 22.28 -36.87
N ARG A 85 34.42 22.62 -36.49
CA ARG A 85 34.77 22.84 -35.10
C ARG A 85 33.94 24.02 -34.61
N ARG A 86 33.94 25.08 -35.39
CA ARG A 86 33.18 26.26 -35.02
C ARG A 86 32.19 26.60 -36.13
N PRO A 87 31.05 25.88 -36.19
CA PRO A 87 29.98 26.13 -37.16
C PRO A 87 29.34 27.53 -37.09
N LEU A 88 30.05 28.50 -36.52
CA LEU A 88 29.60 29.89 -36.57
C LEU A 88 30.33 30.66 -37.67
N GLU A 89 30.92 29.95 -38.63
CA GLU A 89 31.74 30.56 -39.68
C GLU A 89 30.96 31.32 -40.79
N ALA A 90 30.21 30.61 -41.63
CA ALA A 90 29.35 31.30 -42.60
C ALA A 90 28.25 30.40 -43.17
N ALA A 91 27.95 30.56 -44.45
CA ALA A 91 27.10 29.58 -45.14
C ALA A 91 27.80 28.58 -46.15
N PRO A 92 29.15 28.46 -46.13
CA PRO A 92 29.71 27.40 -46.96
C PRO A 92 29.91 26.24 -46.01
N GLU A 93 28.97 26.12 -45.10
CA GLU A 93 29.03 25.03 -44.18
C GLU A 93 28.17 23.97 -44.80
N ARG A 94 27.27 24.41 -45.69
CA ARG A 94 26.56 23.47 -46.53
C ARG A 94 27.61 22.75 -47.36
N LEU A 95 28.59 23.51 -47.86
CA LEU A 95 29.71 22.92 -48.60
C LEU A 95 30.35 21.82 -47.73
N SER A 96 30.87 22.19 -46.56
CA SER A 96 31.50 21.24 -45.64
C SER A 96 30.66 20.02 -45.28
N GLN A 97 29.34 20.18 -45.21
CA GLN A 97 28.42 19.06 -45.05
C GLN A 97 28.48 18.15 -46.26
N ALA A 98 28.40 18.78 -47.41
CA ALA A 98 28.31 18.06 -48.66
C ALA A 98 29.54 17.21 -48.81
N LEU A 99 30.69 17.78 -48.50
CA LEU A 99 31.91 17.03 -48.68
C LEU A 99 32.10 15.95 -47.61
N ALA A 100 31.78 16.29 -46.35
CA ALA A 100 31.82 15.31 -45.27
C ALA A 100 30.78 14.22 -45.47
N VAL A 101 30.00 14.33 -46.55
CA VAL A 101 29.27 13.16 -47.06
C VAL A 101 29.78 12.54 -48.37
N VAL A 102 30.25 13.35 -49.33
CA VAL A 102 30.77 12.77 -50.59
C VAL A 102 31.80 11.74 -50.20
N SER A 103 32.72 12.14 -49.32
CA SER A 103 33.75 11.21 -48.95
C SER A 103 33.19 10.10 -48.07
N GLN A 104 32.14 10.40 -47.32
CA GLN A 104 31.51 9.37 -46.48
C GLN A 104 30.90 8.22 -47.29
N GLU A 105 30.36 8.49 -48.46
CA GLU A 105 29.76 7.43 -49.26
C GLU A 105 30.72 6.83 -50.25
N GLU A 106 31.68 7.66 -50.70
CA GLU A 106 32.77 7.17 -51.52
C GLU A 106 33.47 6.08 -50.75
N LEU A 107 33.53 6.23 -49.43
CA LEU A 107 33.98 5.12 -48.59
C LEU A 107 33.30 3.81 -48.92
N GLU A 108 31.99 3.88 -49.21
CA GLU A 108 31.21 2.69 -49.50
C GLU A 108 31.47 2.20 -50.92
N ASP A 109 31.68 3.15 -51.84
CA ASP A 109 32.04 2.82 -53.23
C ASP A 109 33.18 1.83 -53.24
N ARG A 110 34.34 2.30 -52.81
CA ARG A 110 35.56 1.50 -52.83
C ARG A 110 35.57 0.52 -51.66
N ARG A 111 34.51 -0.28 -51.54
CA ARG A 111 34.48 -1.30 -50.51
C ARG A 111 35.40 -2.44 -50.94
N ALA A 112 34.83 -3.45 -51.57
CA ALA A 112 35.63 -4.57 -52.07
C ALA A 112 35.61 -4.61 -53.60
N SER A 113 34.74 -3.78 -54.20
CA SER A 113 34.58 -3.68 -55.66
C SER A 113 35.49 -2.62 -56.28
N GLY A 114 35.58 -1.46 -55.63
CA GLY A 114 36.62 -0.49 -55.92
C GLY A 114 37.80 -0.81 -55.02
N GLY A 115 37.59 -1.81 -54.16
CA GLY A 115 38.58 -2.30 -53.22
C GLY A 115 39.83 -2.96 -53.79
N PRO A 116 39.82 -3.46 -55.05
CA PRO A 116 41.15 -3.86 -55.55
C PRO A 116 42.04 -2.65 -55.80
N LEU A 117 43.18 -2.59 -55.12
CA LEU A 117 44.18 -1.56 -55.37
C LEU A 117 45.42 -2.22 -55.94
N ALA A 118 45.85 -1.79 -57.11
CA ALA A 118 47.09 -2.30 -57.68
C ALA A 118 48.17 -1.92 -56.69
N ALA A 119 49.10 -2.82 -56.42
CA ALA A 119 50.11 -2.53 -55.41
C ALA A 119 50.93 -1.30 -55.83
N ALA A 120 51.75 -0.82 -54.92
CA ALA A 120 52.42 0.49 -54.97
C ALA A 120 51.46 1.64 -54.65
N LEU A 121 50.17 1.32 -54.59
CA LEU A 121 49.19 2.34 -54.29
C LEU A 121 48.93 2.55 -52.79
N GLU A 122 48.97 1.48 -52.00
CA GLU A 122 48.62 1.53 -50.58
C GLU A 122 47.21 2.00 -50.39
N ALA A 123 46.35 1.10 -49.94
CA ALA A 123 44.96 1.42 -49.72
C ALA A 123 44.82 2.54 -48.71
N THR A 124 43.81 3.40 -48.92
CA THR A 124 43.56 4.48 -48.00
C THR A 124 42.07 4.64 -47.66
N ARG A 125 41.22 3.79 -48.24
CA ARG A 125 39.84 4.23 -48.49
C ARG A 125 38.76 4.08 -47.40
N PRO A 126 38.99 3.28 -46.36
CA PRO A 126 37.91 3.64 -45.41
C PRO A 126 38.35 4.89 -44.67
N ARG A 127 37.98 6.09 -45.15
CA ARG A 127 38.52 7.36 -44.63
C ARG A 127 37.77 7.76 -43.39
N ARG A 128 36.50 7.36 -43.32
CA ARG A 128 35.62 7.57 -42.17
C ARG A 128 35.65 9.00 -41.68
N TRP A 129 35.05 9.88 -42.47
CA TRP A 129 35.18 11.29 -42.19
C TRP A 129 34.11 11.75 -41.20
N LEU A 130 32.92 11.16 -41.30
CA LEU A 130 31.88 11.43 -40.34
C LEU A 130 32.40 11.11 -38.96
N GLN A 131 33.09 9.98 -38.82
CA GLN A 131 33.73 9.63 -37.55
C GLN A 131 34.76 10.68 -37.08
N ARG A 132 35.47 11.28 -38.01
CA ARG A 132 36.41 12.32 -37.65
C ARG A 132 35.65 13.44 -37.00
N TRP A 133 34.55 13.81 -37.66
CA TRP A 133 33.64 14.83 -37.14
C TRP A 133 33.24 14.53 -35.73
N ARG A 134 32.71 13.33 -35.52
CA ARG A 134 32.34 12.94 -34.19
C ARG A 134 33.50 13.22 -33.25
N GLY A 135 34.70 12.81 -33.63
CA GLY A 135 35.87 13.09 -32.82
C GLY A 135 36.03 14.56 -32.46
N VAL A 136 35.71 15.44 -33.40
CA VAL A 136 35.84 16.88 -33.14
C VAL A 136 34.73 17.42 -32.25
N VAL A 137 33.48 17.04 -32.56
CA VAL A 137 32.34 17.40 -31.73
C VAL A 137 32.66 17.02 -30.30
N ALA A 138 33.13 15.79 -30.11
CA ALA A 138 33.51 15.32 -28.80
C ALA A 138 34.67 16.09 -28.18
N GLU A 139 35.65 16.49 -28.98
CA GLU A 139 36.81 17.19 -28.43
C GLU A 139 36.46 18.62 -28.02
N VAL A 140 35.42 19.17 -28.65
CA VAL A 140 34.94 20.50 -28.33
C VAL A 140 33.99 20.44 -27.14
N ALA A 141 33.17 19.38 -27.12
CA ALA A 141 32.38 19.07 -25.95
C ALA A 141 33.26 18.83 -24.74
N ALA A 142 34.53 18.48 -24.95
CA ALA A 142 35.45 18.32 -23.83
C ALA A 142 36.36 19.53 -23.58
N GLU A 143 36.49 20.42 -24.56
CA GLU A 143 37.15 21.69 -24.27
C GLU A 143 36.23 22.52 -23.39
N ARG A 144 34.92 22.44 -23.66
CA ARG A 144 33.97 23.33 -23.00
C ARG A 144 33.56 22.83 -21.63
N LEU A 145 33.23 21.54 -21.56
CA LEU A 145 32.91 20.91 -20.29
C LEU A 145 34.06 20.99 -19.31
N ASP A 146 35.27 21.23 -19.82
CA ASP A 146 36.45 21.23 -18.96
C ASP A 146 37.00 22.62 -18.62
N ALA A 147 36.34 23.66 -19.10
CA ALA A 147 36.79 25.03 -18.82
C ALA A 147 36.81 25.30 -17.31
N GLN A 148 37.57 26.31 -16.87
CA GLN A 148 37.65 26.63 -15.44
C GLN A 148 36.61 27.65 -15.00
N PRO A 149 35.67 27.23 -14.14
CA PRO A 149 34.61 28.15 -13.71
C PRO A 149 35.14 29.20 -12.74
N GLY A 155 34.33 27.73 -2.39
CA GLY A 155 33.78 26.75 -3.30
C GLY A 155 33.17 25.57 -2.58
N ARG A 156 31.96 25.19 -2.98
CA ARG A 156 31.23 24.10 -2.35
C ARG A 156 32.09 22.85 -2.27
N SER A 157 32.84 22.62 -3.35
CA SER A 157 33.85 21.58 -3.44
C SER A 157 34.49 21.83 -4.79
N GLU A 158 35.64 21.25 -5.05
CA GLU A 158 36.16 21.27 -6.40
C GLU A 158 35.17 20.49 -7.24
N ALA A 159 34.72 19.37 -6.69
CA ALA A 159 33.80 18.45 -7.35
C ALA A 159 32.43 19.06 -7.67
N GLU A 160 31.81 19.70 -6.69
CA GLU A 160 30.50 20.30 -6.88
C GLU A 160 30.55 21.51 -7.83
N SER A 161 31.68 22.23 -7.82
CA SER A 161 31.91 23.39 -8.71
C SER A 161 32.14 22.91 -10.14
N ARG A 162 32.84 21.79 -10.25
CA ARG A 162 33.01 21.09 -11.51
C ARG A 162 31.65 20.66 -12.07
N PHE A 163 30.85 19.97 -11.26
CA PHE A 163 29.52 19.53 -11.70
C PHE A 163 28.63 20.71 -12.09
N LEU A 164 28.77 21.82 -11.36
CA LEU A 164 28.00 23.02 -11.65
C LEU A 164 28.35 23.51 -13.02
N HIS A 165 29.60 23.92 -13.18
CA HIS A 165 30.08 24.41 -14.45
C HIS A 165 29.71 23.49 -15.60
N MSE A 166 29.84 22.19 -15.36
CA MSE A 166 29.51 21.20 -16.37
C MSE A 166 28.03 21.28 -16.76
O MSE A 166 27.71 21.63 -17.91
CB MSE A 166 29.90 19.78 -15.93
CG MSE A 166 31.41 19.50 -16.05
SE MSE A 166 31.77 17.59 -16.14
CE MSE A 166 33.71 17.65 -16.24
N GLY A 167 27.14 20.95 -15.83
CA GLY A 167 25.71 20.95 -16.11
C GLY A 167 25.23 22.22 -16.79
N ARG A 168 25.77 23.35 -16.32
CA ARG A 168 25.45 24.63 -16.91
C ARG A 168 25.80 24.60 -18.37
N THR A 169 27.09 24.41 -18.62
CA THR A 169 27.66 24.46 -19.96
C THR A 169 26.88 23.57 -20.91
N MSE A 170 26.59 22.34 -20.50
CA MSE A 170 25.82 21.40 -21.33
C MSE A 170 24.38 21.82 -21.64
O MSE A 170 23.92 21.66 -22.79
CB MSE A 170 25.84 20.00 -20.72
CG MSE A 170 24.92 19.00 -21.42
SE MSE A 170 25.12 17.28 -20.54
CE MSE A 170 23.60 16.34 -21.28
N LYS A 171 23.67 22.30 -20.62
CA LYS A 171 22.32 22.87 -20.85
C LYS A 171 22.39 24.00 -21.86
N GLU A 172 23.31 24.93 -21.62
CA GLU A 172 23.59 26.05 -22.52
C GLU A 172 23.80 25.59 -23.97
N ASP A 173 24.78 24.71 -24.14
CA ASP A 173 25.30 24.34 -25.45
C ASP A 173 24.34 23.50 -26.27
N LEU A 174 23.72 22.51 -25.63
CA LEU A 174 22.68 21.74 -26.31
C LEU A 174 21.46 22.62 -26.63
N GLU A 175 21.18 23.60 -25.77
CA GLU A 175 20.17 24.61 -26.11
C GLU A 175 20.56 25.30 -27.43
N VAL A 176 21.83 25.71 -27.54
CA VAL A 176 22.32 26.31 -28.79
C VAL A 176 22.13 25.38 -29.99
N VAL A 177 22.39 24.10 -29.79
CA VAL A 177 22.30 23.13 -30.89
C VAL A 177 20.87 22.88 -31.36
N VAL A 178 19.91 22.77 -30.44
CA VAL A 178 18.52 22.62 -30.89
C VAL A 178 17.99 23.94 -31.46
N GLU A 179 18.56 25.04 -31.00
CA GLU A 179 18.08 26.34 -31.42
C GLU A 179 18.61 26.62 -32.82
N ARG A 180 19.90 26.41 -33.03
CA ARG A 180 20.58 26.96 -34.21
C ARG A 180 21.25 25.95 -35.16
N LEU A 181 21.85 24.90 -34.61
CA LEU A 181 22.57 23.92 -35.43
C LEU A 181 21.64 22.84 -35.96
N LYS A 182 20.47 22.71 -35.35
CA LYS A 182 19.52 21.70 -35.78
C LYS A 182 18.92 21.99 -37.17
N PRO A 183 18.69 23.27 -37.51
CA PRO A 183 18.19 23.54 -38.87
C PRO A 183 19.29 23.55 -39.95
N LEU A 184 20.54 23.80 -39.55
CA LEU A 184 21.65 23.88 -40.51
C LEU A 184 22.16 22.50 -40.95
N PHE A 185 22.24 21.56 -40.02
CA PHE A 185 22.69 20.22 -40.35
C PHE A 185 21.58 19.36 -40.95
N PRO A 186 21.92 18.68 -42.06
CA PRO A 186 21.07 17.62 -42.64
C PRO A 186 20.76 16.49 -41.66
N ASP A 187 19.79 15.66 -42.03
CA ASP A 187 19.26 14.62 -41.17
C ASP A 187 20.20 13.43 -41.00
N GLU A 188 21.14 13.29 -41.91
CA GLU A 188 22.06 12.17 -41.88
C GLU A 188 22.94 12.18 -40.63
N PHE A 189 23.35 13.37 -40.21
CA PHE A 189 24.36 13.46 -39.17
C PHE A 189 23.81 13.26 -37.77
N ASN A 190 22.53 13.60 -37.59
CA ASN A 190 21.95 13.73 -36.26
C ASN A 190 22.84 14.65 -35.45
N VAL A 191 22.72 15.94 -35.73
CA VAL A 191 23.49 16.96 -35.03
C VAL A 191 23.35 16.74 -33.55
N VAL A 192 22.09 16.60 -33.16
CA VAL A 192 21.64 16.62 -31.78
C VAL A 192 22.14 15.43 -31.01
N ARG A 193 21.86 14.23 -31.53
CA ARG A 193 22.29 13.01 -30.87
C ARG A 193 23.81 13.08 -30.68
N THR A 194 24.53 13.47 -31.72
CA THR A 194 26.00 13.58 -31.67
C THR A 194 26.50 14.57 -30.62
N TYR A 195 25.78 15.68 -30.45
CA TYR A 195 26.21 16.67 -29.48
C TYR A 195 25.88 16.28 -28.05
N ALA A 196 24.61 16.01 -27.78
CA ALA A 196 24.20 15.55 -26.46
C ALA A 196 25.01 14.35 -26.03
N GLU A 197 25.20 13.39 -26.94
CA GLU A 197 25.93 12.19 -26.55
C GLU A 197 27.38 12.56 -26.31
N SER A 198 27.93 13.46 -27.12
CA SER A 198 29.34 13.79 -26.94
C SER A 198 29.61 14.46 -25.58
N TYR A 199 28.69 15.32 -25.16
CA TYR A 199 28.76 15.98 -23.85
C TYR A 199 28.48 15.01 -22.71
N HIS A 200 27.35 14.34 -22.84
CA HIS A 200 26.86 13.37 -21.88
C HIS A 200 27.94 12.41 -21.48
N TYR A 201 28.52 11.74 -22.46
CA TYR A 201 29.52 10.73 -22.17
C TYR A 201 30.71 11.36 -21.47
N HIS A 202 31.01 12.62 -21.77
CA HIS A 202 32.12 13.28 -21.07
C HIS A 202 31.82 13.49 -19.60
N PHE A 203 30.63 14.02 -19.34
CA PHE A 203 30.11 14.14 -17.99
C PHE A 203 30.30 12.81 -17.26
N ALA A 204 29.68 11.79 -17.83
CA ALA A 204 29.66 10.47 -17.22
C ALA A 204 31.07 9.94 -16.99
N SER A 205 32.02 10.42 -17.79
CA SER A 205 33.43 10.06 -17.64
C SER A 205 34.03 10.71 -16.41
N HIS A 206 33.80 12.02 -16.28
CA HIS A 206 34.31 12.72 -15.11
C HIS A 206 33.66 12.20 -13.82
N LEU A 207 32.49 11.57 -13.93
CA LEU A 207 31.83 10.93 -12.78
C LEU A 207 32.36 9.53 -12.46
N CYS A 208 32.43 8.68 -13.49
CA CYS A 208 33.15 7.41 -13.44
C CYS A 208 34.54 7.57 -12.83
N ALA A 209 35.14 8.75 -12.99
CA ALA A 209 36.46 9.06 -12.44
C ALA A 209 36.43 9.22 -10.93
N LEU A 210 35.38 9.85 -10.41
CA LEU A 210 35.30 10.06 -8.98
C LEU A 210 34.87 8.77 -8.28
N ALA A 211 34.05 7.97 -8.97
CA ALA A 211 33.62 6.66 -8.47
C ALA A 211 34.80 5.73 -8.14
N GLN A 212 35.93 5.96 -8.78
CA GLN A 212 37.13 5.20 -8.49
C GLN A 212 37.84 5.86 -7.33
N PHE A 213 37.14 5.98 -6.21
CA PHE A 213 37.72 6.62 -5.06
C PHE A 213 36.95 6.29 -3.78
N GLU A 214 37.65 6.30 -2.65
CA GLU A 214 37.00 6.28 -1.37
C GLU A 214 36.65 7.73 -1.06
N LEU A 215 35.37 8.06 -1.23
CA LEU A 215 34.93 9.45 -1.18
C LEU A 215 34.33 9.88 0.16
N CYS A 216 34.37 11.19 0.41
CA CYS A 216 33.81 11.78 1.61
C CYS A 216 32.29 11.63 1.61
N GLU A 217 31.67 11.84 2.77
CA GLU A 217 30.23 11.67 2.91
C GLU A 217 29.49 12.74 2.12
N ARG A 218 29.93 13.98 2.34
CA ARG A 218 29.40 15.14 1.61
C ARG A 218 29.51 14.93 0.10
N ASP A 219 30.62 14.34 -0.33
CA ASP A 219 30.86 14.04 -1.74
C ASP A 219 29.88 12.99 -2.26
N THR A 220 29.68 11.94 -1.46
CA THR A 220 28.72 10.89 -1.81
C THR A 220 27.33 11.50 -2.03
N TYR A 221 26.94 12.40 -1.13
CA TYR A 221 25.65 13.06 -1.29
C TYR A 221 25.59 13.95 -2.53
N LEU A 222 26.61 14.76 -2.79
CA LEU A 222 26.51 15.69 -3.91
C LEU A 222 26.51 14.97 -5.26
N LEU A 223 27.33 13.94 -5.39
CA LEU A 223 27.34 13.21 -6.65
C LEU A 223 26.10 12.32 -6.81
N LEU A 224 25.59 11.76 -5.72
CA LEU A 224 24.36 10.97 -5.78
C LEU A 224 23.15 11.83 -6.12
N LEU A 225 23.16 13.04 -5.57
CA LEU A 225 22.12 14.02 -5.86
C LEU A 225 22.17 14.32 -7.34
N TRP A 226 23.37 14.69 -7.79
CA TRP A 226 23.61 15.02 -9.18
C TRP A 226 23.17 13.94 -10.16
N VAL A 227 23.68 12.73 -10.00
CA VAL A 227 23.27 11.62 -10.84
C VAL A 227 21.76 11.49 -10.80
N GLN A 228 21.22 11.35 -9.60
CA GLN A 228 19.85 10.93 -9.42
C GLN A 228 18.77 11.99 -9.60
N ASN A 229 19.11 13.24 -9.37
CA ASN A 229 18.08 14.27 -9.31
C ASN A 229 18.38 15.44 -10.20
N LEU A 230 19.54 16.06 -9.99
CA LEU A 230 19.91 17.29 -10.68
C LEU A 230 20.14 17.09 -12.18
N TYR A 231 20.96 16.12 -12.55
CA TYR A 231 21.19 15.84 -13.95
C TYR A 231 19.85 15.63 -14.67
N PRO A 232 19.16 14.51 -14.42
CA PRO A 232 18.08 14.15 -15.34
C PRO A 232 16.86 15.05 -15.27
N ASN A 233 16.72 15.84 -14.20
CA ASN A 233 15.60 16.78 -14.12
C ASN A 233 15.99 18.18 -14.57
N ASP A 234 17.01 18.75 -13.94
CA ASP A 234 17.38 20.14 -14.18
C ASP A 234 17.99 20.38 -15.56
N ILE A 235 18.65 19.35 -16.10
CA ILE A 235 19.33 19.53 -17.38
C ILE A 235 18.68 18.77 -18.52
N LEU A 236 18.51 17.46 -18.36
CA LEU A 236 17.93 16.66 -19.43
C LEU A 236 16.44 16.92 -19.64
N ASN A 237 15.74 17.33 -18.60
CA ASN A 237 14.28 17.30 -18.69
C ASN A 237 13.54 18.60 -18.51
N SER A 238 13.85 19.34 -17.46
CA SER A 238 13.14 20.61 -17.22
C SER A 238 13.40 21.78 -18.21
N PRO A 239 14.38 21.66 -19.14
CA PRO A 239 14.45 22.88 -19.97
C PRO A 239 13.60 22.85 -21.24
N LYS A 240 14.10 23.53 -22.28
CA LYS A 240 13.50 23.48 -23.60
C LYS A 240 14.15 22.34 -24.40
N LEU A 241 15.34 21.95 -23.95
CA LEU A 241 16.02 20.73 -24.40
C LEU A 241 15.09 19.56 -24.22
N ALA A 242 14.35 19.59 -23.13
CA ALA A 242 13.33 18.63 -22.74
C ALA A 242 12.84 17.73 -23.87
N GLN A 243 12.20 18.37 -24.83
CA GLN A 243 11.46 17.74 -25.90
C GLN A 243 12.35 16.85 -26.76
N GLU A 244 13.53 17.37 -27.07
CA GLU A 244 14.47 16.75 -27.99
C GLU A 244 15.11 15.46 -27.48
N LEU A 245 15.79 15.55 -26.33
CA LEU A 245 16.62 14.45 -25.85
C LEU A 245 15.82 13.23 -25.42
N GLN A 246 14.50 13.41 -25.33
CA GLN A 246 13.59 12.29 -25.12
C GLN A 246 13.83 11.26 -26.23
N GLY A 247 14.11 11.76 -27.43
CA GLY A 247 14.50 10.91 -28.55
C GLY A 247 15.85 10.26 -28.33
N VAL A 248 16.81 11.03 -27.83
CA VAL A 248 18.17 10.55 -27.63
C VAL A 248 18.19 9.33 -26.71
N GLY A 249 17.61 9.47 -25.52
CA GLY A 249 17.49 8.36 -24.61
C GLY A 249 18.81 8.02 -23.92
N LEU A 250 19.45 9.07 -23.40
CA LEU A 250 20.71 8.91 -22.69
C LEU A 250 20.45 8.09 -21.43
N GLY A 251 21.49 7.51 -20.86
CA GLY A 251 21.33 6.68 -19.68
C GLY A 251 21.69 7.38 -18.39
N SER A 252 22.07 6.60 -17.39
CA SER A 252 22.57 7.17 -16.14
C SER A 252 23.97 7.73 -16.37
N LEU A 253 24.52 8.41 -15.38
CA LEU A 253 25.88 8.88 -15.48
C LEU A 253 26.82 7.82 -14.92
N LEU A 254 26.57 7.41 -13.68
CA LEU A 254 27.22 6.26 -13.09
C LEU A 254 26.39 5.09 -13.52
N PRO A 255 26.93 3.87 -13.40
CA PRO A 255 26.11 2.76 -13.84
C PRO A 255 25.23 2.24 -12.71
N PRO A 256 23.96 1.90 -13.04
CA PRO A 256 22.95 1.29 -12.17
C PRO A 256 23.45 0.59 -10.89
N LYS A 257 24.14 -0.54 -11.04
CA LYS A 257 24.69 -1.22 -9.87
C LYS A 257 25.51 -0.30 -8.96
N GLN A 258 26.38 0.51 -9.55
CA GLN A 258 27.26 1.38 -8.76
C GLN A 258 26.49 2.50 -8.05
N ILE A 259 25.40 2.93 -8.68
CA ILE A 259 24.49 3.89 -8.09
C ILE A 259 23.81 3.29 -6.86
N ARG A 260 23.27 2.08 -7.01
CA ARG A 260 22.57 1.41 -5.91
C ARG A 260 23.50 1.14 -4.73
N LEU A 261 24.75 0.83 -5.06
CA LEU A 261 25.80 0.70 -4.05
C LEU A 261 26.03 2.03 -3.32
N LEU A 262 26.12 3.10 -4.11
CA LEU A 262 26.27 4.47 -3.58
C LEU A 262 25.15 4.88 -2.62
N GLU A 263 23.93 4.56 -3.02
CA GLU A 263 22.78 4.69 -2.14
C GLU A 263 23.10 3.96 -0.84
N ALA A 264 23.14 2.63 -0.92
CA ALA A 264 23.37 1.76 0.24
C ALA A 264 24.40 2.29 1.26
N MSE A 265 25.47 2.91 0.76
CA MSE A 265 26.44 3.50 1.70
C MSE A 265 26.03 4.87 2.22
O MSE A 265 26.24 5.18 3.40
CB MSE A 265 27.86 3.53 1.11
CG MSE A 265 28.00 4.28 -0.21
SE MSE A 265 29.75 4.10 -1.02
CE MSE A 265 29.82 2.14 -1.12
N PHE A 266 25.44 5.69 1.35
CA PHE A 266 24.95 7.00 1.80
C PHE A 266 23.92 6.90 2.94
N LEU A 267 22.98 5.98 2.79
CA LEU A 267 22.02 5.72 3.85
C LEU A 267 22.75 5.58 5.16
N SER A 268 23.65 4.60 5.24
CA SER A 268 24.40 4.32 6.47
C SER A 268 25.14 5.53 6.99
N ASN A 269 25.68 6.33 6.08
CA ASN A 269 26.23 7.62 6.46
C ASN A 269 25.26 8.51 7.22
N GLU A 270 24.11 8.80 6.58
CA GLU A 270 23.15 9.76 7.12
C GLU A 270 22.42 9.26 8.36
N VAL A 271 21.88 8.06 8.26
CA VAL A 271 21.30 7.37 9.41
C VAL A 271 22.28 7.45 10.59
N THR A 272 23.55 7.14 10.36
CA THR A 272 24.54 7.35 11.42
C THR A 272 24.62 8.84 11.87
N SER A 273 24.57 9.78 10.94
CA SER A 273 24.60 11.20 11.29
C SER A 273 23.50 11.60 12.27
N VAL A 274 22.25 11.26 11.94
CA VAL A 274 21.13 11.64 12.79
C VAL A 274 21.14 10.86 14.10
N LYS A 275 21.61 9.61 14.08
CA LYS A 275 21.77 8.84 15.31
C LYS A 275 22.69 9.61 16.29
N GLN A 276 23.89 9.95 15.82
CA GLN A 276 24.88 10.70 16.63
C GLN A 276 24.40 12.08 17.06
N LEU A 277 23.75 12.77 16.12
CA LEU A 277 23.23 14.11 16.36
C LEU A 277 22.10 14.16 17.39
N MSE A 278 21.13 13.26 17.27
CA MSE A 278 20.09 13.10 18.27
C MSE A 278 20.73 12.82 19.61
O MSE A 278 20.48 13.54 20.57
CB MSE A 278 19.19 11.94 17.92
CG MSE A 278 18.17 12.29 16.90
SE MSE A 278 17.00 10.80 16.59
CE MSE A 278 15.53 11.84 15.94
N ALA A 279 21.53 11.77 19.65
CA ALA A 279 22.32 11.44 20.83
C ALA A 279 22.93 12.67 21.52
N ARG A 280 23.58 13.55 20.74
CA ARG A 280 24.17 14.76 21.29
C ARG A 280 23.14 15.79 21.78
N ALA A 281 22.01 15.88 21.07
CA ALA A 281 20.91 16.74 21.50
C ALA A 281 20.44 16.34 22.89
N LEU A 282 20.09 15.06 23.00
CA LEU A 282 19.69 14.46 24.26
C LEU A 282 20.72 14.72 25.35
N GLU A 283 21.99 14.41 25.09
CA GLU A 283 23.05 14.61 26.08
C GLU A 283 23.04 16.05 26.61
N LEU A 284 22.92 16.98 25.69
CA LEU A 284 22.96 18.39 26.03
C LEU A 284 21.75 18.83 26.89
N GLU A 285 20.56 18.35 26.56
CA GLU A 285 19.36 18.74 27.32
C GLU A 285 19.43 18.10 28.69
N SER A 286 19.90 16.86 28.70
CA SER A 286 20.17 16.10 29.92
C SER A 286 20.96 16.98 30.85
N GLN A 287 22.03 17.59 30.34
CA GLN A 287 22.80 18.46 31.21
C GLN A 287 22.11 19.79 31.54
N ARG A 288 21.21 20.27 30.67
CA ARG A 288 20.43 21.46 31.03
C ARG A 288 19.68 21.21 32.31
N TRP A 289 19.02 20.05 32.37
CA TRP A 289 18.37 19.59 33.60
C TRP A 289 19.35 19.52 34.73
N THR A 290 20.35 18.67 34.51
CA THR A 290 21.49 18.48 35.40
C THR A 290 21.95 19.80 35.99
N GLN A 291 22.01 20.84 35.15
CA GLN A 291 22.57 22.12 35.54
C GLN A 291 21.56 23.09 36.13
N ASP A 292 20.33 22.63 36.34
CA ASP A 292 19.30 23.45 36.98
C ASP A 292 19.00 24.68 36.10
N VAL A 293 18.95 24.46 34.80
CA VAL A 293 18.48 25.49 33.86
C VAL A 293 16.97 25.64 34.02
N ALA A 294 16.49 26.82 34.37
CA ALA A 294 15.06 27.10 34.33
C ALA A 294 14.64 27.10 32.86
N PRO A 295 13.58 26.35 32.53
CA PRO A 295 13.19 26.41 31.13
C PRO A 295 12.50 27.71 30.84
N GLN A 296 12.43 28.02 29.55
CA GLN A 296 11.80 29.23 29.09
C GLN A 296 10.33 28.97 28.82
N SER A 297 9.50 30.00 28.98
CA SER A 297 8.08 29.78 28.89
C SER A 297 7.44 30.49 27.70
N LEU A 298 6.95 29.72 26.74
CA LEU A 298 6.02 30.23 25.72
C LEU A 298 4.70 30.62 26.38
N ASP A 299 3.95 29.63 26.87
CA ASP A 299 2.75 29.85 27.68
C ASP A 299 2.74 28.83 28.86
N GLY A 300 2.91 27.56 28.53
CA GLY A 300 3.39 26.59 29.48
C GLY A 300 4.83 26.38 29.05
N HIS A 301 5.68 25.85 29.93
CA HIS A 301 7.13 25.77 29.70
C HIS A 301 7.59 25.11 28.41
N CYS A 302 8.73 25.57 27.91
CA CYS A 302 9.31 25.01 26.70
C CYS A 302 10.70 24.45 27.00
N HIS A 303 10.82 23.13 26.89
CA HIS A 303 12.10 22.51 26.69
C HIS A 303 11.93 21.85 25.35
N SER A 304 10.96 22.34 24.58
CA SER A 304 10.66 21.78 23.26
C SER A 304 11.92 21.81 22.40
N GLU A 305 12.95 22.46 22.95
CA GLU A 305 14.33 22.23 22.58
C GLU A 305 14.48 20.79 22.15
N LEU A 306 14.35 19.83 23.06
CA LEU A 306 14.45 18.45 22.62
C LEU A 306 13.42 18.08 21.55
N ALA A 307 12.18 18.50 21.75
CA ALA A 307 11.12 18.24 20.77
C ALA A 307 11.47 18.66 19.33
N ILE A 308 11.54 19.98 19.10
CA ILE A 308 11.74 20.46 17.75
C ILE A 308 13.15 20.17 17.24
N ASP A 309 14.15 20.22 18.12
CA ASP A 309 15.52 19.97 17.67
C ASP A 309 15.66 18.54 17.17
N ILE A 310 15.09 17.60 17.90
CA ILE A 310 14.99 16.21 17.41
C ILE A 310 14.23 16.04 16.08
N LEU A 311 13.00 16.57 16.03
CA LEU A 311 12.21 16.41 14.82
C LEU A 311 12.80 17.18 13.62
N GLN A 312 13.66 18.15 13.90
CA GLN A 312 14.35 18.91 12.86
C GLN A 312 15.51 18.09 12.30
N ILE A 313 16.24 17.42 13.20
CA ILE A 313 17.27 16.49 12.75
C ILE A 313 16.63 15.51 11.78
N ILE A 314 15.55 14.85 12.23
CA ILE A 314 14.83 13.93 11.35
C ILE A 314 14.36 14.53 10.01
N SER A 315 13.63 15.64 10.07
CA SER A 315 13.10 16.26 8.85
C SER A 315 14.18 16.60 7.84
N GLN A 316 15.33 17.10 8.30
CA GLN A 316 16.40 17.48 7.37
C GLN A 316 17.10 16.26 6.77
N GLY A 317 17.29 15.22 7.57
CA GLY A 317 17.78 13.97 7.02
C GLY A 317 16.84 13.43 5.93
N GLN A 318 15.55 13.44 6.24
CA GLN A 318 14.53 12.97 5.30
C GLN A 318 14.51 13.81 4.02
N THR A 319 14.79 15.10 4.14
CA THR A 319 14.87 15.92 2.94
C THR A 319 16.08 15.46 2.12
N LYS A 320 17.23 15.36 2.79
CA LYS A 320 18.46 14.95 2.12
C LYS A 320 18.30 13.63 1.34
N ALA A 321 17.52 12.70 1.87
CA ALA A 321 17.31 11.45 1.14
C ALA A 321 16.05 11.47 0.27
N GLU A 322 15.29 12.56 0.35
CA GLU A 322 14.17 12.77 -0.55
C GLU A 322 14.77 13.38 -1.81
N ASN A 323 15.84 14.14 -1.60
CA ASN A 323 16.58 14.84 -2.65
C ASN A 323 17.52 13.96 -3.47
N ILE A 324 17.16 12.69 -3.59
CA ILE A 324 17.84 11.77 -4.46
C ILE A 324 16.72 11.09 -5.24
N THR A 325 16.16 10.04 -4.65
CA THR A 325 14.99 9.37 -5.19
C THR A 325 13.89 9.43 -4.15
N SER A 326 12.66 9.20 -4.61
CA SER A 326 11.54 8.94 -3.72
C SER A 326 11.88 7.74 -2.85
N ASP A 327 12.53 6.74 -3.45
CA ASP A 327 12.79 5.47 -2.80
C ASP A 327 13.92 5.55 -1.78
N VAL A 328 14.92 6.38 -2.07
CA VAL A 328 15.95 6.68 -1.09
C VAL A 328 15.26 7.22 0.15
N GLY A 329 14.33 8.15 -0.10
CA GLY A 329 13.50 8.72 0.95
C GLY A 329 12.76 7.71 1.79
N MSE A 330 11.87 6.93 1.16
CA MSE A 330 11.08 5.94 1.89
C MSE A 330 11.97 5.01 2.71
O MSE A 330 11.68 4.68 3.88
CB MSE A 330 10.17 5.15 0.95
CG MSE A 330 8.98 4.53 1.66
SE MSE A 330 7.88 3.27 0.64
CE MSE A 330 6.60 2.78 2.04
N GLN A 331 13.07 4.59 2.10
CA GLN A 331 14.08 3.76 2.77
C GLN A 331 14.59 4.43 4.04
N ILE A 332 14.95 5.70 3.95
CA ILE A 332 15.47 6.42 5.12
C ILE A 332 14.39 6.67 6.18
N LYS A 333 13.12 6.69 5.77
CA LYS A 333 12.01 6.82 6.72
C LYS A 333 11.90 5.55 7.57
N GLN A 334 11.68 4.42 6.89
CA GLN A 334 11.58 3.15 7.60
C GLN A 334 12.85 2.89 8.42
N LEU A 335 13.96 3.46 7.97
CA LEU A 335 15.24 3.32 8.68
C LEU A 335 15.39 4.25 9.88
N LEU A 336 14.71 5.40 9.83
CA LEU A 336 14.78 6.40 10.89
C LEU A 336 13.86 6.04 12.04
N LEU A 337 12.79 5.31 11.73
CA LEU A 337 11.90 4.85 12.79
C LEU A 337 12.64 4.18 13.94
N VAL A 338 13.54 3.27 13.57
CA VAL A 338 14.34 2.51 14.53
C VAL A 338 15.27 3.36 15.42
N GLU A 339 15.86 4.41 14.86
CA GLU A 339 16.77 5.26 15.62
C GLU A 339 16.00 6.29 16.43
N LEU A 340 14.76 6.57 16.02
CA LEU A 340 13.88 7.43 16.80
C LEU A 340 13.48 6.67 18.05
N ALA A 341 12.85 5.51 17.83
CA ALA A 341 12.65 4.54 18.91
C ALA A 341 13.86 4.52 19.84
N ALA A 342 15.05 4.32 19.27
CA ALA A 342 16.30 4.38 20.02
C ALA A 342 16.37 5.59 20.95
N LEU A 343 16.21 6.76 20.34
CA LEU A 343 16.36 7.99 21.12
C LEU A 343 15.35 8.08 22.24
N LEU A 344 14.06 8.12 21.89
CA LEU A 344 12.97 8.10 22.87
C LEU A 344 13.23 7.16 24.04
N ARG A 345 13.61 5.91 23.74
CA ARG A 345 13.98 4.93 24.76
C ARG A 345 15.06 5.49 25.70
N SER A 346 16.19 5.85 25.11
CA SER A 346 17.32 6.34 25.90
C SER A 346 17.07 7.73 26.50
N TYR A 347 15.92 8.30 26.19
CA TYR A 347 15.48 9.59 26.69
C TYR A 347 14.73 9.33 27.97
N GLN A 348 13.71 8.47 27.86
CA GLN A 348 12.97 8.02 29.02
C GLN A 348 13.98 7.66 30.08
N ARG A 349 14.93 6.79 29.74
CA ARG A 349 15.95 6.43 30.73
C ARG A 349 16.70 7.64 31.38
N ALA A 350 17.01 8.68 30.61
CA ALA A 350 17.76 9.81 31.15
C ALA A 350 16.90 10.77 31.96
N PHE A 351 15.62 10.86 31.59
CA PHE A 351 14.67 11.64 32.35
C PHE A 351 14.38 10.97 33.68
N ASP A 352 14.16 9.66 33.64
CA ASP A 352 13.97 8.84 34.83
C ASP A 352 15.15 8.99 35.80
N GLU A 353 16.37 8.85 35.28
CA GLU A 353 17.57 9.09 36.09
C GLU A 353 17.60 10.51 36.66
N PHE A 354 17.14 11.49 35.88
CA PHE A 354 16.96 12.86 36.37
C PHE A 354 16.04 12.94 37.56
N LEU A 355 14.89 12.28 37.44
CA LEU A 355 13.93 12.17 38.52
C LEU A 355 14.59 11.60 39.77
N GLU A 356 15.17 10.41 39.63
CA GLU A 356 15.76 9.70 40.76
C GLU A 356 16.81 10.51 41.54
N LYS A 357 17.68 11.24 40.85
CA LYS A 357 18.77 11.93 41.55
C LYS A 357 18.53 13.41 41.88
N SER A 358 18.57 14.29 40.86
CA SER A 358 18.26 15.71 41.05
C SER A 358 16.86 15.84 41.64
N LYS A 359 16.69 16.74 42.59
CA LYS A 359 15.43 16.85 43.29
C LYS A 359 15.45 18.11 44.14
N LEU A 360 16.64 18.39 44.66
CA LEU A 360 16.88 19.61 45.42
C LEU A 360 16.80 20.80 44.48
N LEU A 361 17.25 20.59 43.24
CA LEU A 361 17.32 21.62 42.21
C LEU A 361 16.10 22.56 42.19
N ARG A 362 16.34 23.86 42.03
CA ARG A 362 15.27 24.85 42.06
C ARG A 362 14.23 24.57 40.99
N ASN A 363 14.70 24.24 39.79
CA ASN A 363 13.82 23.93 38.67
C ASN A 363 13.77 22.43 38.39
N TYR A 364 13.43 21.65 39.41
CA TYR A 364 13.25 20.22 39.27
C TYR A 364 11.86 19.99 38.70
N ARG A 365 10.86 20.51 39.40
CA ARG A 365 9.46 20.38 38.99
C ARG A 365 9.19 21.09 37.67
N VAL A 366 9.76 22.29 37.54
CA VAL A 366 9.68 23.11 36.34
C VAL A 366 10.20 22.34 35.12
N ASN A 367 11.37 21.73 35.30
CA ASN A 367 12.00 20.93 34.27
C ASN A 367 11.08 19.78 33.90
N ILE A 368 10.72 18.99 34.90
CA ILE A 368 9.73 17.91 34.72
C ILE A 368 8.58 18.34 33.81
N MSE A 369 7.96 19.47 34.13
CA MSE A 369 6.84 19.93 33.32
C MSE A 369 7.25 20.26 31.88
O MSE A 369 6.50 19.99 30.95
CB MSE A 369 6.15 21.12 34.00
CG MSE A 369 5.39 20.74 35.23
SE MSE A 369 4.32 22.20 35.85
CE MSE A 369 5.72 23.31 36.66
N ALA A 370 8.43 20.83 31.70
CA ALA A 370 8.91 21.08 30.33
C ALA A 370 8.94 19.77 29.50
N ASN A 371 9.60 18.78 30.09
CA ASN A 371 9.72 17.49 29.46
C ASN A 371 8.39 16.81 29.18
N ILE A 372 7.52 16.76 30.18
CA ILE A 372 6.18 16.24 30.00
C ILE A 372 5.59 16.94 28.78
N ASN A 373 5.66 18.27 28.76
CA ASN A 373 5.19 19.04 27.62
C ASN A 373 5.63 18.54 26.25
N ASN A 374 6.89 18.11 26.12
CA ASN A 374 7.37 17.56 24.82
C ASN A 374 6.50 16.49 24.13
N CYS A 375 5.80 15.69 24.93
CA CYS A 375 5.04 14.55 24.39
C CYS A 375 3.94 14.97 23.42
N LEU A 376 3.44 16.19 23.64
CA LEU A 376 2.40 16.74 22.80
C LEU A 376 2.95 16.87 21.41
N PHE A 377 4.14 17.46 21.34
CA PHE A 377 4.74 17.74 20.06
C PHE A 377 5.12 16.45 19.35
N PHE A 378 5.67 15.49 20.07
CA PHE A 378 5.96 14.22 19.39
C PHE A 378 4.72 13.53 18.83
N TRP A 379 3.68 13.36 19.66
CA TRP A 379 2.41 12.82 19.22
C TRP A 379 1.97 13.52 17.94
N THR A 380 1.82 14.84 18.05
CA THR A 380 1.30 15.67 16.96
C THR A 380 2.08 15.58 15.65
N SER A 381 3.41 15.70 15.74
CA SER A 381 4.28 15.72 14.56
C SER A 381 4.52 14.36 13.90
N VAL A 382 4.71 13.33 14.71
CA VAL A 382 4.82 11.96 14.22
C VAL A 382 3.49 11.40 13.64
N GLU A 383 2.35 11.88 14.13
CA GLU A 383 1.10 11.41 13.53
C GLU A 383 0.95 11.88 12.08
N GLN A 384 1.45 13.08 11.81
CA GLN A 384 1.36 13.69 10.47
C GLN A 384 2.48 13.24 9.55
N LYS A 385 3.70 13.16 10.08
CA LYS A 385 4.87 12.88 9.28
C LYS A 385 4.99 11.46 8.71
N TRP A 386 4.72 10.44 9.52
CA TRP A 386 5.02 9.05 9.15
C TRP A 386 3.88 8.24 8.55
N GLN A 387 2.65 8.56 8.97
CA GLN A 387 1.46 7.88 8.47
C GLN A 387 1.51 6.38 8.74
N ILE A 388 1.77 5.99 9.98
CA ILE A 388 1.86 4.58 10.34
C ILE A 388 0.58 4.08 11.01
N SER A 389 0.44 2.77 11.08
CA SER A 389 -0.64 2.14 11.82
C SER A 389 -0.57 2.57 13.28
N HIS A 390 -1.72 2.58 13.95
CA HIS A 390 -1.80 3.15 15.29
C HIS A 390 -1.17 2.29 16.37
N ASP A 391 -1.00 1.01 16.08
CA ASP A 391 -0.26 0.13 16.97
C ASP A 391 1.23 0.25 16.70
N SER A 392 1.59 0.60 15.48
CA SER A 392 2.98 0.88 15.13
C SER A 392 3.34 2.25 15.71
N LEU A 393 2.44 3.21 15.49
CA LEU A 393 2.54 4.54 16.08
C LEU A 393 2.73 4.43 17.58
N ASN A 394 1.80 3.75 18.25
CA ASN A 394 1.88 3.56 19.70
C ASN A 394 3.08 2.71 20.16
N ARG A 395 3.56 1.82 19.29
CA ARG A 395 4.70 0.98 19.60
C ARG A 395 5.95 1.83 19.67
N LEU A 396 6.08 2.75 18.72
CA LEU A 396 7.16 3.72 18.74
C LEU A 396 7.00 4.64 19.95
N LEU A 397 5.78 5.08 20.18
CA LEU A 397 5.50 6.16 21.15
C LEU A 397 5.46 5.67 22.60
N GLU A 398 5.62 4.36 22.80
CA GLU A 398 5.54 3.78 24.14
C GLU A 398 6.25 4.56 25.27
N PRO A 399 7.58 4.80 25.14
CA PRO A 399 8.27 5.27 26.33
C PRO A 399 8.07 6.75 26.54
N LEU A 400 7.09 7.32 25.88
CA LEU A 400 6.72 8.70 26.14
C LEU A 400 5.60 8.71 27.17
N LYS A 401 4.78 7.66 27.16
CA LYS A 401 3.74 7.54 28.18
C LYS A 401 4.46 7.29 29.49
N ASP A 402 5.44 6.40 29.44
CA ASP A 402 6.28 6.07 30.60
C ASP A 402 6.96 7.31 31.18
N LEU A 403 7.31 8.24 30.33
CA LEU A 403 7.95 9.48 30.76
C LEU A 403 6.93 10.44 31.35
N LYS A 404 5.75 10.47 30.76
CA LYS A 404 4.71 11.37 31.24
C LYS A 404 4.07 10.74 32.47
N ALA A 405 4.03 9.41 32.51
CA ALA A 405 3.58 8.70 33.69
C ALA A 405 4.46 9.14 34.82
N HIS A 406 5.74 8.79 34.75
CA HIS A 406 6.68 9.06 35.84
C HIS A 406 6.74 10.53 36.14
N GLY A 407 6.39 11.35 35.16
CA GLY A 407 6.31 12.78 35.36
C GLY A 407 5.22 13.12 36.34
N PHE A 408 3.97 12.95 35.90
CA PHE A 408 2.79 13.19 36.70
C PHE A 408 2.87 12.59 38.10
N ASP A 409 3.38 11.38 38.19
CA ASP A 409 3.48 10.68 39.46
C ASP A 409 4.37 11.46 40.42
N THR A 410 5.33 12.17 39.85
CA THR A 410 6.37 12.82 40.63
C THR A 410 5.96 14.20 41.15
N LEU A 411 5.15 14.91 40.38
CA LEU A 411 4.70 16.24 40.78
C LEU A 411 3.56 16.13 41.77
N LEU A 412 2.68 15.18 41.50
CA LEU A 412 1.49 14.94 42.29
C LEU A 412 1.82 14.36 43.66
N GLN A 413 2.62 13.29 43.67
CA GLN A 413 3.09 12.61 44.89
C GLN A 413 3.06 13.40 46.21
N SER A 414 3.46 14.67 46.16
CA SER A 414 3.45 15.56 47.32
C SER A 414 2.06 15.93 47.82
N LEU A 415 1.09 16.11 46.91
CA LEU A 415 -0.28 16.47 47.31
C LEU A 415 -1.06 15.24 47.72
N PHE A 416 -0.75 14.11 47.09
CA PHE A 416 -1.44 12.88 47.43
C PHE A 416 -1.05 12.45 48.84
N LEU A 417 0.10 12.91 49.31
CA LEU A 417 0.46 12.65 50.68
C LEU A 417 -0.24 13.57 51.65
N ASP A 418 -0.19 14.88 51.39
CA ASP A 418 -0.88 15.82 52.26
C ASP A 418 -2.35 15.44 52.39
N LEU A 419 -2.85 14.75 51.37
CA LEU A 419 -4.20 14.25 51.34
C LEU A 419 -4.38 12.93 52.06
N LYS A 420 -3.29 12.23 52.39
CA LYS A 420 -3.37 10.86 52.96
C LYS A 420 -4.02 10.81 54.35
N PRO A 421 -3.65 11.74 55.23
CA PRO A 421 -4.37 11.72 56.50
C PRO A 421 -5.78 12.29 56.37
N LEU A 422 -5.94 13.43 55.72
CA LEU A 422 -7.26 14.06 55.70
C LEU A 422 -8.35 13.22 55.07
N PHE A 423 -8.05 11.97 54.72
CA PHE A 423 -9.06 11.05 54.20
C PHE A 423 -9.34 10.02 55.25
N LYS A 424 -8.33 9.73 56.07
CA LYS A 424 -8.50 8.89 57.26
C LYS A 424 -9.55 9.55 58.14
N LYS A 425 -9.49 10.87 58.20
CA LYS A 425 -10.39 11.67 59.02
C LYS A 425 -11.88 11.51 58.66
N PHE A 426 -12.20 10.81 57.59
CA PHE A 426 -13.59 10.45 57.36
C PHE A 426 -13.87 9.23 58.19
N THR A 427 -12.90 8.34 58.23
CA THR A 427 -13.02 7.15 59.04
C THR A 427 -12.88 7.52 60.50
N GLN A 428 -11.94 8.42 60.81
CA GLN A 428 -11.69 8.81 62.20
C GLN A 428 -12.91 9.46 62.86
N THR A 429 -13.62 10.31 62.14
CA THR A 429 -14.76 10.94 62.73
C THR A 429 -16.03 10.18 62.43
N ARG A 430 -15.92 8.87 62.24
CA ARG A 430 -17.07 8.03 61.87
C ARG A 430 -18.12 8.76 61.05
N TRP A 431 -17.65 9.60 60.13
CA TRP A 431 -18.47 10.38 59.20
C TRP A 431 -19.42 11.30 59.93
N ALA A 432 -18.90 11.96 60.96
CA ALA A 432 -19.70 12.86 61.78
C ALA A 432 -19.95 14.13 61.01
N ASN A 433 -18.88 14.75 60.53
CA ASN A 433 -19.06 15.83 59.58
C ASN A 433 -18.15 15.68 58.38
N PRO A 434 -18.71 15.10 57.29
CA PRO A 434 -18.05 15.00 55.99
C PRO A 434 -17.65 16.36 55.44
N VAL A 435 -18.63 17.20 55.14
CA VAL A 435 -18.41 18.48 54.47
C VAL A 435 -17.25 19.32 55.00
N GLU A 436 -16.99 19.25 56.30
CA GLU A 436 -15.85 19.99 56.86
C GLU A 436 -14.52 19.32 56.50
N THR A 437 -14.47 18.01 56.65
CA THR A 437 -13.28 17.24 56.30
C THR A 437 -12.97 17.45 54.79
N LEU A 438 -13.97 17.19 53.96
CA LEU A 438 -13.87 17.39 52.52
C LEU A 438 -13.45 18.81 52.16
N GLU A 439 -14.03 19.81 52.80
CA GLU A 439 -13.63 21.20 52.54
C GLU A 439 -12.14 21.41 52.85
N GLU A 440 -11.65 20.74 53.90
CA GLU A 440 -10.23 20.77 54.18
C GLU A 440 -9.44 20.19 53.01
N ILE A 441 -9.95 19.10 52.45
CA ILE A 441 -9.26 18.50 51.30
C ILE A 441 -9.28 19.37 50.04
N ILE A 442 -10.42 19.97 49.73
CA ILE A 442 -10.52 20.90 48.61
C ILE A 442 -9.57 22.06 48.79
N THR A 443 -9.45 22.58 50.01
CA THR A 443 -8.42 23.59 50.28
C THR A 443 -7.03 23.07 49.99
N THR A 444 -6.74 21.86 50.46
CA THR A 444 -5.39 21.31 50.32
C THR A 444 -5.04 20.91 48.91
N VAL A 445 -6.05 20.81 48.05
CA VAL A 445 -5.79 20.49 46.65
C VAL A 445 -5.74 21.79 45.84
N SER A 446 -6.68 22.69 46.10
CA SER A 446 -6.79 23.94 45.37
C SER A 446 -5.53 24.79 45.60
N SER A 447 -4.82 24.48 46.69
CA SER A 447 -3.52 25.09 46.93
C SER A 447 -2.49 24.30 46.17
N SER A 448 -2.79 23.99 44.91
CA SER A 448 -1.86 23.28 44.03
C SER A 448 -2.17 23.58 42.58
N LEU A 449 -3.39 24.04 42.31
CA LEU A 449 -3.79 24.64 41.02
C LEU A 449 -2.75 25.53 40.30
N PRO A 450 -2.08 26.46 41.04
CA PRO A 450 -1.11 27.38 40.42
C PRO A 450 -0.12 26.76 39.45
N GLU A 451 0.98 26.20 39.97
CA GLU A 451 2.11 25.81 39.13
C GLU A 451 1.72 24.88 37.99
N PHE A 452 0.63 24.15 38.14
CA PHE A 452 0.20 23.23 37.11
C PHE A 452 -0.44 23.94 35.93
N SER A 453 -0.33 25.26 35.92
CA SER A 453 -0.82 26.06 34.82
C SER A 453 0.34 26.29 33.87
N GLU A 454 1.55 26.09 34.38
CA GLU A 454 2.76 26.15 33.56
C GLU A 454 2.97 24.83 32.80
N LEU A 455 1.86 24.18 32.44
CA LEU A 455 1.86 22.85 31.86
C LEU A 455 0.87 22.89 30.70
N GLN A 456 1.25 22.29 29.56
CA GLN A 456 0.43 22.32 28.35
C GLN A 456 -1.04 21.97 28.62
N ASP A 457 -1.97 22.65 27.93
CA ASP A 457 -3.40 22.54 28.22
C ASP A 457 -3.94 21.10 28.15
N CYS A 458 -3.51 20.41 27.11
CA CYS A 458 -3.83 19.01 26.92
C CYS A 458 -3.44 18.19 28.16
N PHE A 459 -2.24 18.44 28.66
CA PHE A 459 -1.77 17.73 29.85
C PHE A 459 -2.36 18.30 31.13
N ARG A 460 -2.77 19.57 31.09
CA ARG A 460 -3.48 20.17 32.21
C ARG A 460 -4.66 19.29 32.48
N GLU A 461 -5.58 19.22 31.54
CA GLU A 461 -6.78 18.39 31.76
C GLU A 461 -6.46 16.89 31.94
N GLU A 462 -5.38 16.42 31.30
CA GLU A 462 -4.95 15.05 31.51
C GLU A 462 -4.60 14.80 32.98
N LEU A 463 -4.08 15.82 33.65
CA LEU A 463 -3.71 15.69 35.05
C LEU A 463 -4.89 15.90 36.00
N MSE A 464 -5.73 16.85 35.64
CA MSE A 464 -6.97 17.03 36.37
C MSE A 464 -7.78 15.73 36.43
O MSE A 464 -8.35 15.42 37.49
CB MSE A 464 -7.81 18.15 35.75
CG MSE A 464 -8.65 18.91 36.74
SE MSE A 464 -7.64 19.69 38.20
CE MSE A 464 -6.05 20.26 37.26
N GLU A 465 -7.86 14.96 35.34
CA GLU A 465 -8.56 13.68 35.48
C GLU A 465 -7.87 12.83 36.52
N THR A 466 -6.55 12.92 36.61
CA THR A 466 -5.81 12.11 37.55
C THR A 466 -6.16 12.48 38.98
N VAL A 467 -6.20 13.78 39.26
CA VAL A 467 -6.59 14.22 40.60
C VAL A 467 -8.03 13.83 40.92
N HIS A 468 -9.01 14.33 40.14
CA HIS A 468 -10.42 13.89 40.20
C HIS A 468 -10.54 12.39 40.57
N LEU A 469 -10.02 11.54 39.69
CA LEU A 469 -9.97 10.11 39.93
C LEU A 469 -9.40 9.76 41.28
N HIS A 470 -8.36 10.48 41.72
CA HIS A 470 -7.76 10.09 42.98
C HIS A 470 -8.65 10.40 44.16
N LEU A 471 -9.26 11.59 44.14
CA LEU A 471 -10.31 11.95 45.12
C LEU A 471 -11.41 10.89 45.22
N VAL A 472 -12.08 10.61 44.11
CA VAL A 472 -13.06 9.53 44.09
C VAL A 472 -12.55 8.13 44.56
N LYS A 473 -11.39 7.70 44.07
CA LYS A 473 -10.90 6.38 44.47
C LYS A 473 -10.82 6.45 45.98
N GLU A 474 -10.05 7.40 46.48
CA GLU A 474 -9.76 7.51 47.89
C GLU A 474 -11.02 7.50 48.78
N TYR A 475 -12.01 8.25 48.36
CA TYR A 475 -13.31 8.25 49.06
C TYR A 475 -13.93 6.83 49.12
N ILE A 476 -14.04 6.17 47.97
CA ILE A 476 -14.64 4.85 47.95
C ILE A 476 -13.78 3.85 48.74
N ILE A 477 -12.49 4.12 48.85
CA ILE A 477 -11.62 3.29 49.67
C ILE A 477 -11.99 3.48 51.13
N ARG A 478 -12.38 4.69 51.49
CA ARG A 478 -12.85 4.95 52.86
C ARG A 478 -14.18 4.25 53.17
N LEU A 479 -15.19 4.47 52.33
CA LEU A 479 -16.45 3.76 52.52
C LEU A 479 -16.34 2.23 52.49
N CYS A 480 -15.21 1.69 52.06
CA CYS A 480 -15.10 0.25 51.89
C CYS A 480 -14.22 -0.37 52.96
N LYS A 481 -13.88 0.45 53.94
CA LYS A 481 -12.95 0.05 54.99
C LYS A 481 -13.64 -0.67 56.17
N ARG A 482 -14.90 -1.06 55.98
CA ARG A 482 -15.72 -1.82 56.96
C ARG A 482 -15.51 -1.40 58.41
N ARG A 483 -15.78 -0.13 58.67
CA ARG A 483 -15.30 0.50 59.87
C ARG A 483 -16.40 1.45 60.28
N LEU A 484 -17.56 1.25 59.65
CA LEU A 484 -18.78 1.96 60.03
C LEU A 484 -19.99 1.11 59.68
N VAL A 485 -20.75 0.65 60.68
CA VAL A 485 -22.03 -0.01 60.40
C VAL A 485 -23.14 0.88 60.93
N LEU A 486 -24.24 0.96 60.18
CA LEU A 486 -25.32 1.82 60.58
C LEU A 486 -26.49 0.95 61.02
N LYS A 487 -27.09 1.28 62.16
CA LYS A 487 -28.09 0.40 62.73
C LYS A 487 -29.46 0.64 62.13
N THR A 488 -29.82 1.91 61.92
CA THR A 488 -31.17 2.25 61.47
C THR A 488 -31.25 3.19 60.29
N ALA A 489 -32.12 2.85 59.36
CA ALA A 489 -32.39 3.61 58.14
C ALA A 489 -32.18 5.12 58.21
N GLU A 490 -32.65 5.75 59.27
CA GLU A 490 -32.60 7.23 59.33
C GLU A 490 -31.18 7.79 59.17
N GLN A 491 -30.22 7.14 59.82
CA GLN A 491 -28.83 7.56 59.74
C GLN A 491 -28.16 7.11 58.44
N GLN A 492 -28.69 6.07 57.81
CA GLN A 492 -28.22 5.69 56.49
C GLN A 492 -28.64 6.71 55.46
N GLN A 493 -29.84 7.24 55.60
CA GLN A 493 -30.31 8.33 54.76
C GLN A 493 -29.50 9.58 54.99
N GLN A 494 -29.17 9.84 56.26
CA GLN A 494 -28.36 10.98 56.65
C GLN A 494 -26.96 10.86 56.03
N LEU A 495 -26.44 9.64 56.03
CA LEU A 495 -25.12 9.37 55.44
C LEU A 495 -25.22 9.57 53.94
N ALA A 496 -26.33 9.14 53.35
CA ALA A 496 -26.55 9.34 51.94
C ALA A 496 -26.49 10.81 51.57
N ARG A 497 -27.38 11.61 52.14
CA ARG A 497 -27.31 13.06 52.01
C ARG A 497 -25.88 13.60 52.10
N HIS A 498 -25.12 13.11 53.08
CA HIS A 498 -23.69 13.42 53.17
C HIS A 498 -22.87 13.09 51.91
N ILE A 499 -22.85 11.81 51.53
CA ILE A 499 -22.12 11.36 50.35
C ILE A 499 -22.47 12.26 49.18
N LEU A 500 -23.75 12.39 48.88
CA LEU A 500 -24.21 13.22 47.76
C LEU A 500 -23.69 14.63 47.84
N ALA A 501 -23.67 15.19 49.05
CA ALA A 501 -23.16 16.54 49.24
C ALA A 501 -21.72 16.60 48.79
N ASN A 502 -20.96 15.61 49.22
CA ASN A 502 -19.55 15.55 48.87
C ASN A 502 -19.32 15.34 47.36
N ALA A 503 -20.16 14.50 46.76
CA ALA A 503 -20.01 14.13 45.35
C ALA A 503 -20.27 15.31 44.47
N ASP A 504 -21.22 16.14 44.91
CA ASP A 504 -21.46 17.38 44.20
C ASP A 504 -20.34 18.39 44.41
N ALA A 505 -19.73 18.36 45.59
CA ALA A 505 -18.60 19.24 45.84
C ALA A 505 -17.45 18.91 44.92
N ILE A 506 -16.99 17.67 45.01
CA ILE A 506 -15.95 17.16 44.12
C ILE A 506 -16.24 17.37 42.64
N GLN A 507 -17.32 16.78 42.14
CA GLN A 507 -17.63 16.87 40.72
C GLN A 507 -17.66 18.31 40.26
N GLY A 508 -18.33 19.13 41.05
CA GLY A 508 -18.41 20.54 40.71
C GLY A 508 -17.03 21.16 40.57
N PHE A 509 -16.26 21.10 41.66
CA PHE A 509 -14.97 21.78 41.76
C PHE A 509 -14.00 21.31 40.70
N CYS A 510 -13.80 20.00 40.59
CA CYS A 510 -12.95 19.43 39.55
C CYS A 510 -13.37 19.82 38.13
N THR A 511 -14.65 19.64 37.79
CA THR A 511 -15.12 20.06 36.47
C THR A 511 -14.83 21.53 36.23
N GLU A 512 -14.98 22.30 37.30
CA GLU A 512 -14.87 23.74 37.26
C GLU A 512 -13.39 24.16 37.25
N ASN A 513 -12.51 23.20 37.48
CA ASN A 513 -11.08 23.50 37.52
C ASN A 513 -10.35 22.82 36.38
N GLY A 514 -11.10 22.15 35.50
CA GLY A 514 -10.51 21.65 34.28
C GLY A 514 -10.58 20.16 34.01
N SER A 515 -11.20 19.40 34.91
CA SER A 515 -11.35 17.99 34.65
C SER A 515 -12.48 17.78 33.65
N THR A 516 -12.39 16.72 32.84
CA THR A 516 -13.52 16.35 31.99
C THR A 516 -13.82 14.87 32.19
N ALA A 517 -13.44 14.39 33.37
CA ALA A 517 -13.65 13.01 33.77
C ALA A 517 -15.13 12.75 34.02
N THR A 518 -15.91 12.68 32.95
CA THR A 518 -17.35 12.57 33.08
C THR A 518 -17.72 11.24 33.68
N TRP A 519 -16.99 10.19 33.28
CA TRP A 519 -17.31 8.85 33.76
C TRP A 519 -17.39 8.75 35.29
N LEU A 520 -16.46 9.42 35.96
CA LEU A 520 -16.40 9.45 37.42
C LEU A 520 -17.64 10.02 38.12
N HIS A 521 -18.42 10.84 37.42
CA HIS A 521 -19.49 11.62 38.06
C HIS A 521 -20.53 10.85 38.86
N ARG A 522 -20.91 9.67 38.39
CA ARG A 522 -21.96 8.93 39.04
C ARG A 522 -21.37 7.92 40.02
N ALA A 523 -20.08 8.06 40.29
CA ALA A 523 -19.44 7.10 41.17
C ALA A 523 -20.03 7.21 42.55
N LEU A 524 -19.79 8.34 43.18
CA LEU A 524 -20.25 8.61 44.52
C LEU A 524 -21.76 8.74 44.68
N PRO A 525 -22.42 9.55 43.83
CA PRO A 525 -23.88 9.71 44.00
C PRO A 525 -24.59 8.38 43.97
N MSE A 526 -24.17 7.48 43.11
CA MSE A 526 -24.91 6.26 42.89
C MSE A 526 -24.73 5.27 44.03
O MSE A 526 -25.47 4.28 44.16
CB MSE A 526 -24.51 5.65 41.57
CG MSE A 526 -25.54 4.74 40.99
SE MSE A 526 -25.68 5.04 39.08
CE MSE A 526 -26.11 6.94 39.11
N ILE A 527 -23.71 5.51 44.85
CA ILE A 527 -23.38 4.67 45.98
C ILE A 527 -24.20 5.18 47.14
N ALA A 528 -24.29 6.51 47.26
CA ALA A 528 -25.14 7.13 48.27
C ALA A 528 -26.49 6.50 48.17
N GLU A 529 -26.95 6.32 46.94
CA GLU A 529 -28.23 5.73 46.69
C GLU A 529 -28.35 4.27 47.11
N ILE A 530 -27.27 3.53 47.00
CA ILE A 530 -27.32 2.16 47.47
C ILE A 530 -27.31 2.14 49.00
N ILE A 531 -26.65 3.10 49.61
CA ILE A 531 -26.65 3.20 51.06
C ILE A 531 -28.05 3.56 51.54
N ARG A 532 -28.55 4.70 51.07
CA ARG A 532 -29.90 5.19 51.42
C ARG A 532 -31.07 4.24 51.11
N LEU A 533 -31.10 3.63 49.93
CA LEU A 533 -32.17 2.71 49.58
C LEU A 533 -32.37 1.61 50.63
N GLN A 534 -33.63 1.36 50.99
CA GLN A 534 -33.92 0.52 52.15
C GLN A 534 -34.56 -0.80 51.78
N ASP A 535 -35.32 -0.80 50.70
CA ASP A 535 -35.98 -2.01 50.23
C ASP A 535 -35.04 -2.82 49.33
N SER A 536 -35.18 -4.14 49.36
CA SER A 536 -34.28 -5.05 48.65
C SER A 536 -34.19 -4.75 47.16
N SER A 537 -35.31 -4.95 46.48
CA SER A 537 -35.39 -4.80 45.03
C SER A 537 -34.74 -3.52 44.54
N ALA A 538 -34.96 -2.44 45.27
CA ALA A 538 -34.39 -1.14 44.90
C ALA A 538 -32.89 -1.24 44.82
N ILE A 539 -32.30 -1.78 45.87
CA ILE A 539 -30.87 -1.99 45.93
C ILE A 539 -30.39 -2.90 44.80
N LYS A 540 -31.18 -3.92 44.45
CA LYS A 540 -30.83 -4.75 43.30
C LYS A 540 -30.80 -3.95 42.01
N ILE A 541 -31.65 -2.95 41.89
CA ILE A 541 -31.70 -2.20 40.67
C ILE A 541 -30.58 -1.15 40.58
N GLU A 542 -30.30 -0.46 41.67
CA GLU A 542 -29.16 0.46 41.64
C GLU A 542 -27.83 -0.27 41.52
N VAL A 543 -27.79 -1.50 42.01
CA VAL A 543 -26.65 -2.38 41.73
C VAL A 543 -26.52 -2.71 40.24
N ALA A 544 -27.59 -3.17 39.60
CA ALA A 544 -27.57 -3.39 38.17
C ALA A 544 -27.04 -2.17 37.42
N THR A 545 -27.68 -1.03 37.65
CA THR A 545 -27.26 0.19 36.97
C THR A 545 -25.82 0.62 37.28
N TYR A 546 -25.40 0.48 38.53
CA TYR A 546 -24.05 0.85 38.92
C TYR A 546 -23.03 -0.09 38.33
N ALA A 547 -23.41 -1.30 38.01
CA ALA A 547 -22.44 -2.16 37.38
C ALA A 547 -22.36 -1.70 35.95
N THR A 548 -23.45 -1.13 35.43
CA THR A 548 -23.40 -0.60 34.07
C THR A 548 -22.40 0.56 33.89
N TRP A 549 -22.51 1.66 34.64
CA TRP A 549 -21.39 2.61 34.78
C TRP A 549 -20.34 2.04 35.74
N TYR A 550 -19.09 1.85 35.35
CA TYR A 550 -18.08 1.15 36.21
C TYR A 550 -18.46 -0.29 36.39
N PRO A 551 -17.99 -1.15 35.48
CA PRO A 551 -18.23 -2.60 35.56
C PRO A 551 -17.05 -3.36 36.15
N ASP A 552 -16.05 -2.63 36.64
CA ASP A 552 -14.98 -3.25 37.41
C ASP A 552 -15.36 -3.32 38.88
N PHE A 553 -16.59 -2.90 39.16
CA PHE A 553 -17.21 -3.00 40.46
C PHE A 553 -17.55 -4.45 40.73
N SER A 554 -17.01 -4.99 41.83
CA SER A 554 -17.07 -6.42 42.10
C SER A 554 -17.86 -6.71 43.35
N LYS A 555 -18.04 -7.99 43.64
CA LYS A 555 -18.77 -8.39 44.85
C LYS A 555 -18.01 -7.95 46.09
N GLY A 556 -16.72 -7.69 45.94
CA GLY A 556 -15.89 -7.29 47.06
C GLY A 556 -16.39 -5.98 47.58
N HIS A 557 -16.54 -5.05 46.66
CA HIS A 557 -16.93 -3.72 47.02
C HIS A 557 -18.39 -3.69 47.41
N LEU A 558 -19.21 -4.41 46.65
CA LEU A 558 -20.63 -4.50 46.96
C LEU A 558 -20.80 -4.90 48.40
N ASN A 559 -20.11 -5.97 48.80
CA ASN A 559 -20.04 -6.29 50.22
C ASN A 559 -19.61 -5.13 51.09
N ALA A 560 -18.36 -4.68 50.98
CA ALA A 560 -17.89 -3.61 51.86
C ALA A 560 -18.82 -2.38 51.98
N ILE A 561 -19.72 -2.24 51.00
CA ILE A 561 -20.68 -1.15 50.98
C ILE A 561 -21.92 -1.54 51.77
N LEU A 562 -22.48 -2.71 51.45
CA LEU A 562 -23.58 -3.24 52.23
C LEU A 562 -23.23 -3.48 53.71
N ALA A 563 -21.94 -3.54 54.02
CA ALA A 563 -21.52 -3.67 55.39
C ALA A 563 -22.07 -2.50 56.20
N ILE A 564 -22.28 -1.38 55.55
CA ILE A 564 -22.68 -0.20 56.28
C ILE A 564 -24.20 -0.14 56.26
N LYS A 565 -24.82 -1.30 56.42
CA LYS A 565 -26.27 -1.38 56.32
C LYS A 565 -26.98 -1.93 57.56
N GLY A 566 -26.27 -2.62 58.43
CA GLY A 566 -26.83 -2.96 59.74
C GLY A 566 -28.14 -3.72 59.78
N ASN A 567 -29.01 -3.52 58.78
CA ASN A 567 -30.14 -4.41 58.48
C ASN A 567 -29.86 -5.24 57.20
N LEU A 568 -30.81 -6.09 56.80
CA LEU A 568 -30.69 -6.97 55.62
C LEU A 568 -29.53 -7.97 55.70
N PRO A 569 -29.83 -9.24 55.96
CA PRO A 569 -28.76 -10.23 56.25
C PRO A 569 -28.49 -11.37 55.23
N SER A 570 -29.49 -11.62 54.40
CA SER A 570 -29.50 -12.76 53.50
C SER A 570 -30.10 -12.23 52.21
N SER A 571 -30.25 -10.91 52.17
CA SER A 571 -30.56 -10.21 50.94
C SER A 571 -29.23 -9.68 50.41
N GLU A 572 -28.20 -9.83 51.25
CA GLU A 572 -26.83 -9.72 50.81
C GLU A 572 -26.59 -10.72 49.71
N VAL A 573 -26.79 -11.99 50.01
CA VAL A 573 -26.60 -13.07 49.05
C VAL A 573 -27.30 -12.72 47.74
N ARG A 574 -28.53 -12.25 47.83
CA ARG A 574 -29.26 -11.95 46.61
C ARG A 574 -28.63 -10.81 45.83
N SER A 575 -28.46 -9.65 46.46
CA SER A 575 -27.90 -8.47 45.80
C SER A 575 -26.53 -8.73 45.18
N ILE A 576 -25.77 -9.65 45.78
CA ILE A 576 -24.46 -9.99 45.26
C ILE A 576 -24.51 -10.92 44.07
N ARG A 577 -25.37 -11.93 44.12
CA ARG A 577 -25.55 -12.80 42.95
C ARG A 577 -25.90 -12.05 41.63
N ASN A 578 -25.94 -10.71 41.67
CA ASN A 578 -26.03 -9.86 40.48
C ASN A 578 -24.67 -9.72 39.84
N ILE A 579 -23.88 -8.82 40.42
CA ILE A 579 -22.45 -8.72 40.22
C ILE A 579 -21.81 -10.07 39.85
N LEU A 580 -22.30 -11.16 40.45
CA LEU A 580 -21.86 -12.55 40.12
C LEU A 580 -21.49 -12.80 38.65
N ASP A 581 -22.17 -12.09 37.75
CA ASP A 581 -21.85 -12.13 36.33
C ASP A 581 -21.68 -10.72 35.73
N ILE A 582 -20.65 -9.99 36.14
CA ILE A 582 -20.29 -8.71 35.49
C ILE A 582 -19.63 -8.95 34.11
N ASN A 583 -19.68 -10.20 33.67
CA ASN A 583 -19.11 -10.66 32.41
C ASN A 583 -19.77 -10.05 31.18
N THR A 584 -19.00 -9.24 30.45
CA THR A 584 -19.48 -8.63 29.21
C THR A 584 -19.48 -9.65 28.07
N GLY A 585 -18.47 -9.58 27.20
CA GLY A 585 -18.40 -10.43 26.04
C GLY A 585 -18.75 -9.69 24.77
N VAL A 586 -19.48 -8.58 24.92
CA VAL A 586 -19.83 -7.71 23.79
C VAL A 586 -18.72 -6.66 23.57
N GLN A 587 -18.48 -5.84 24.60
CA GLN A 587 -17.33 -4.92 24.62
C GLN A 587 -16.75 -4.82 26.05
N GLU A 588 -15.43 -4.77 26.14
CA GLU A 588 -14.74 -4.61 27.44
C GLU A 588 -13.98 -3.29 27.54
N PRO A 589 -14.69 -2.16 27.70
CA PRO A 589 -13.93 -0.92 27.84
C PRO A 589 -14.00 -0.26 29.24
N PRO A 590 -13.60 -0.98 30.32
CA PRO A 590 -13.74 -0.34 31.63
C PRO A 590 -12.52 0.53 32.02
N ARG A 591 -12.67 1.86 31.95
CA ARG A 591 -11.68 2.76 32.53
C ARG A 591 -11.58 2.38 34.00
N PRO A 592 -10.38 2.01 34.44
CA PRO A 592 -10.14 1.53 35.80
C PRO A 592 -10.64 2.47 36.91
N LEU A 593 -11.51 1.93 37.77
CA LEU A 593 -11.96 2.59 38.98
C LEU A 593 -11.94 1.62 40.15
N PHE A 594 -12.60 0.48 40.00
CA PHE A 594 -12.60 -0.52 41.04
C PHE A 594 -11.47 -1.53 40.87
N SER A 595 -10.87 -1.53 39.70
CA SER A 595 -9.65 -2.29 39.49
C SER A 595 -8.58 -1.84 40.50
N LEU A 596 -8.70 -0.58 40.91
CA LEU A 596 -7.62 0.09 41.59
C LEU A 596 -7.93 0.12 43.06
N ILE A 597 -9.16 -0.24 43.39
CA ILE A 597 -9.58 -0.29 44.79
C ILE A 597 -9.75 -1.72 45.23
N LYS A 598 -8.70 -2.30 45.80
CA LYS A 598 -8.82 -3.66 46.28
C LYS A 598 -8.97 -3.62 47.77
N VAL A 599 -10.12 -4.11 48.24
CA VAL A 599 -10.36 -4.43 49.64
C VAL A 599 -10.73 -5.88 49.66
N THR A 600 -10.16 -6.60 50.62
CA THR A 600 -10.60 -7.93 51.01
C THR A 600 -10.95 -7.86 52.51
N ASP B 17 -73.87 30.11 13.50
CA ASP B 17 -72.97 28.98 13.31
C ASP B 17 -72.77 28.17 14.59
N GLY B 18 -71.62 28.35 15.25
CA GLY B 18 -71.33 27.67 16.50
C GLY B 18 -71.48 28.55 17.74
N PRO B 19 -71.17 28.00 18.92
CA PRO B 19 -70.70 26.62 19.10
C PRO B 19 -71.86 25.65 19.31
N LEU B 20 -71.55 24.35 19.38
CA LEU B 20 -72.54 23.32 19.68
C LEU B 20 -72.75 23.20 21.19
N PRO B 21 -73.99 23.46 21.64
CA PRO B 21 -74.33 23.33 23.07
C PRO B 21 -74.23 21.91 23.63
N THR B 22 -75.11 21.03 23.17
CA THR B 22 -75.20 19.68 23.72
C THR B 22 -73.93 18.92 23.47
N VAL B 23 -73.45 18.26 24.51
CA VAL B 23 -72.29 17.39 24.36
C VAL B 23 -72.65 16.22 23.48
N GLU B 24 -73.94 15.91 23.37
CA GLU B 24 -74.38 14.91 22.40
C GLU B 24 -74.31 15.46 20.99
N GLU B 25 -74.68 16.73 20.82
CA GLU B 25 -74.58 17.37 19.51
C GLU B 25 -73.13 17.34 19.05
N LEU B 26 -72.24 17.52 20.02
CA LEU B 26 -70.80 17.53 19.78
C LEU B 26 -70.25 16.14 19.47
N LYS B 27 -70.63 15.16 20.28
CA LYS B 27 -70.31 13.75 20.06
C LYS B 27 -70.74 13.31 18.66
N GLU B 28 -71.95 13.69 18.27
CA GLU B 28 -72.45 13.41 16.94
C GLU B 28 -71.57 14.07 15.91
N ALA B 29 -71.24 15.33 16.16
CA ALA B 29 -70.38 16.10 15.27
C ALA B 29 -69.07 15.38 14.99
N LEU B 30 -68.46 14.86 16.03
CA LEU B 30 -67.20 14.14 15.87
C LEU B 30 -67.44 12.81 15.17
N GLU B 31 -68.64 12.26 15.36
CA GLU B 31 -69.00 10.97 14.77
C GLU B 31 -69.18 11.10 13.27
N HIS B 32 -69.45 12.30 12.81
CA HIS B 32 -69.48 12.60 11.39
C HIS B 32 -68.16 13.22 10.96
N GLY B 33 -67.16 13.13 11.84
CA GLY B 33 -65.82 13.63 11.58
C GLY B 33 -65.70 15.07 11.13
N ARG B 34 -66.50 15.97 11.70
CA ARG B 34 -66.49 17.37 11.28
C ARG B 34 -65.11 17.96 11.54
N LEU B 35 -64.57 17.63 12.70
CA LEU B 35 -63.19 17.96 13.09
C LEU B 35 -62.98 19.43 13.41
N GLU B 36 -63.75 20.31 12.77
CA GLU B 36 -63.64 21.74 13.01
C GLU B 36 -63.91 21.99 14.48
N VAL B 37 -64.86 21.23 15.00
CA VAL B 37 -65.33 21.33 16.38
C VAL B 37 -64.27 20.99 17.45
N ALA B 38 -63.14 20.46 17.00
CA ALA B 38 -61.96 20.16 17.81
C ALA B 38 -61.82 20.99 19.07
N TRP B 39 -61.64 22.31 18.89
CA TRP B 39 -61.35 23.23 19.98
C TRP B 39 -62.34 23.16 21.16
N GLN B 40 -63.63 22.99 20.85
CA GLN B 40 -64.63 22.86 21.91
C GLN B 40 -64.28 21.74 22.88
N VAL B 41 -63.89 20.60 22.32
CA VAL B 41 -63.54 19.42 23.12
C VAL B 41 -62.40 19.70 24.10
N LEU B 42 -61.59 20.71 23.81
CA LEU B 42 -60.56 21.09 24.76
C LEU B 42 -61.16 22.03 25.76
N ALA B 43 -61.92 23.00 25.27
CA ALA B 43 -62.55 23.98 26.13
C ALA B 43 -63.26 23.28 27.28
N LEU B 44 -64.02 22.25 26.92
CA LEU B 44 -64.76 21.46 27.89
C LEU B 44 -63.85 21.03 29.01
N GLU B 45 -62.80 20.30 28.64
CA GLU B 45 -61.79 19.90 29.60
C GLU B 45 -61.29 21.11 30.41
N ARG B 46 -60.91 22.18 29.74
CA ARG B 46 -60.43 23.34 30.46
C ARG B 46 -61.49 23.85 31.44
N GLN B 47 -62.75 23.90 30.99
CA GLN B 47 -63.83 24.35 31.86
C GLN B 47 -63.94 23.50 33.11
N LEU B 48 -63.75 22.19 32.94
CA LEU B 48 -63.80 21.27 34.07
C LEU B 48 -62.75 21.65 35.09
N GLU B 49 -61.51 21.86 34.64
CA GLU B 49 -60.40 22.16 35.56
C GLU B 49 -60.76 23.41 36.33
N ALA B 50 -61.59 24.25 35.70
CA ALA B 50 -61.98 25.49 36.30
C ALA B 50 -63.00 25.20 37.37
N ALA B 51 -64.10 24.54 36.97
CA ALA B 51 -65.25 24.41 37.85
C ALA B 51 -64.96 23.49 39.04
N ALA B 52 -64.15 22.46 38.83
CA ALA B 52 -63.72 21.62 39.92
C ALA B 52 -62.85 22.43 40.86
N ALA B 53 -62.10 23.37 40.28
CA ALA B 53 -61.30 24.30 41.06
C ALA B 53 -62.17 25.33 41.77
N ALA B 54 -63.42 25.45 41.37
CA ALA B 54 -64.33 26.39 42.02
C ALA B 54 -64.58 25.98 43.46
N GLY B 55 -64.51 24.68 43.72
CA GLY B 55 -64.71 24.15 45.05
C GLY B 55 -66.13 23.64 45.26
N GLY B 56 -67.09 24.35 44.71
CA GLY B 56 -68.49 23.94 44.76
C GLY B 56 -68.81 22.97 43.65
N MSE B 57 -68.59 21.69 43.92
CA MSE B 57 -68.75 20.64 42.91
C MSE B 57 -68.80 19.24 43.53
O MSE B 57 -67.83 18.79 44.17
CB MSE B 57 -67.60 20.71 41.90
CG MSE B 57 -67.90 21.45 40.59
SE MSE B 57 -68.88 20.41 39.25
CE MSE B 57 -70.70 20.67 39.92
N SER B 58 -69.92 18.55 43.32
CA SER B 58 -70.04 17.14 43.70
C SER B 58 -68.95 16.38 42.95
N ASN B 59 -68.08 15.67 43.68
CA ASN B 59 -67.12 14.78 43.04
C ASN B 59 -67.82 13.74 42.16
N GLU B 60 -69.09 13.49 42.46
CA GLU B 60 -69.95 12.67 41.63
C GLU B 60 -70.16 13.40 40.31
N GLU B 61 -70.47 14.69 40.40
CA GLU B 61 -70.70 15.51 39.21
C GLU B 61 -69.40 15.64 38.40
N LEU B 62 -68.28 15.78 39.12
CA LEU B 62 -66.97 15.82 38.50
C LEU B 62 -66.78 14.54 37.73
N VAL B 63 -66.45 13.47 38.43
CA VAL B 63 -66.39 12.13 37.86
C VAL B 63 -67.26 11.90 36.63
N TRP B 64 -68.50 12.36 36.73
CA TRP B 64 -69.46 12.34 35.63
C TRP B 64 -68.94 13.12 34.40
N ARG B 65 -68.69 14.41 34.59
CA ARG B 65 -68.28 15.23 33.46
C ARG B 65 -66.94 14.76 32.93
N GLN B 66 -65.99 14.52 33.85
CA GLN B 66 -64.66 13.97 33.53
C GLN B 66 -64.79 12.81 32.58
N SER B 67 -65.49 11.77 33.01
CA SER B 67 -65.81 10.64 32.15
C SER B 67 -66.30 11.07 30.76
N LYS B 68 -67.23 12.01 30.74
CA LYS B 68 -67.78 12.46 29.45
C LYS B 68 -66.74 13.12 28.51
N VAL B 69 -65.97 14.07 29.03
CA VAL B 69 -65.00 14.79 28.22
C VAL B 69 -63.89 13.86 27.75
N GLU B 70 -63.43 12.97 28.62
CA GLU B 70 -62.39 12.04 28.16
C GLU B 70 -62.91 11.12 27.08
N ALA B 71 -64.15 10.63 27.27
CA ALA B 71 -64.81 9.77 26.29
C ALA B 71 -64.95 10.45 24.93
N LEU B 72 -65.21 11.74 24.96
CA LEU B 72 -65.23 12.57 23.77
C LEU B 72 -63.83 12.63 23.13
N TYR B 73 -62.87 13.03 23.94
CA TYR B 73 -61.48 13.23 23.55
C TYR B 73 -60.90 12.00 22.87
N VAL B 74 -61.38 10.81 23.25
CA VAL B 74 -60.99 9.62 22.51
C VAL B 74 -61.60 9.59 21.12
N LEU B 75 -62.89 9.88 21.00
CA LEU B 75 -63.49 9.90 19.67
C LEU B 75 -62.74 10.86 18.76
N LEU B 76 -62.57 12.09 19.24
CA LEU B 76 -61.77 13.07 18.54
C LEU B 76 -60.43 12.47 18.13
N CYS B 77 -59.82 11.70 19.03
CA CYS B 77 -58.53 11.07 18.71
C CYS B 77 -58.61 10.12 17.52
N ASP B 78 -59.55 9.18 17.56
CA ASP B 78 -59.71 8.24 16.46
C ASP B 78 -60.01 8.94 15.14
N GLN B 79 -60.67 10.09 15.22
CA GLN B 79 -60.92 10.85 14.01
C GLN B 79 -59.62 11.44 13.47
N VAL B 80 -58.80 12.01 14.36
CA VAL B 80 -57.51 12.56 13.93
C VAL B 80 -56.48 11.56 13.40
N LEU B 81 -56.11 10.58 14.22
CA LEU B 81 -55.19 9.57 13.76
C LEU B 81 -55.82 8.81 12.60
N GLY B 82 -57.15 8.74 12.58
CA GLY B 82 -57.88 8.16 11.46
C GLY B 82 -57.57 8.84 10.14
N VAL B 83 -57.64 10.17 10.11
CA VAL B 83 -57.33 10.92 8.88
C VAL B 83 -55.86 10.83 8.56
N LEU B 84 -55.03 11.15 9.54
CA LEU B 84 -53.59 11.13 9.36
C LEU B 84 -52.97 9.77 9.01
N ARG B 85 -53.72 8.66 9.20
CA ARG B 85 -53.21 7.33 8.85
C ARG B 85 -53.00 7.19 7.35
N ARG B 86 -53.98 7.65 6.59
CA ARG B 86 -53.84 7.69 5.15
C ARG B 86 -54.28 9.05 4.66
N PRO B 87 -53.35 10.02 4.57
CA PRO B 87 -53.63 11.37 4.07
C PRO B 87 -54.16 11.43 2.60
N LEU B 88 -55.42 11.04 2.48
CA LEU B 88 -56.18 11.07 1.25
C LEU B 88 -57.52 11.71 1.61
N GLU B 89 -57.52 13.00 1.97
CA GLU B 89 -58.76 13.73 2.30
C GLU B 89 -58.75 15.12 1.66
N ALA B 90 -59.11 16.14 2.42
CA ALA B 90 -59.05 17.51 1.89
C ALA B 90 -58.60 18.53 2.94
N ALA B 91 -59.55 19.35 3.37
CA ALA B 91 -59.34 20.24 4.50
C ALA B 91 -59.56 19.67 5.91
N PRO B 92 -60.07 18.42 6.05
CA PRO B 92 -60.08 17.96 7.46
C PRO B 92 -58.67 17.51 7.87
N GLU B 93 -57.77 17.54 6.90
CA GLU B 93 -56.39 17.18 7.12
C GLU B 93 -55.62 18.34 7.78
N ARG B 94 -55.81 19.54 7.25
CA ARG B 94 -55.33 20.75 7.90
C ARG B 94 -55.82 20.74 9.35
N LEU B 95 -57.13 20.47 9.50
CA LEU B 95 -57.78 20.39 10.80
C LEU B 95 -57.07 19.34 11.70
N SER B 96 -56.59 18.25 11.11
CA SER B 96 -55.87 17.25 11.89
C SER B 96 -54.53 17.76 12.39
N GLN B 97 -53.79 18.43 11.51
CA GLN B 97 -52.55 19.07 11.94
C GLN B 97 -52.83 19.97 13.11
N ALA B 98 -53.74 20.91 12.88
CA ALA B 98 -54.14 21.90 13.86
C ALA B 98 -54.40 21.22 15.19
N LEU B 99 -55.11 20.11 15.12
CA LEU B 99 -55.53 19.42 16.33
C LEU B 99 -54.34 18.83 17.10
N ALA B 100 -53.53 18.02 16.40
CA ALA B 100 -52.37 17.39 17.01
C ALA B 100 -51.51 18.49 17.64
N VAL B 101 -51.48 19.68 17.05
CA VAL B 101 -50.76 20.76 17.71
C VAL B 101 -51.47 21.36 18.94
N VAL B 102 -52.80 21.55 18.87
CA VAL B 102 -53.57 22.10 20.01
C VAL B 102 -53.30 21.23 21.24
N SER B 103 -53.33 19.91 21.05
CA SER B 103 -53.06 19.05 22.19
C SER B 103 -51.60 18.98 22.57
N GLN B 104 -50.73 18.87 21.58
CA GLN B 104 -49.29 18.90 21.85
C GLN B 104 -48.80 20.15 22.59
N GLU B 105 -49.59 21.23 22.61
CA GLU B 105 -49.20 22.39 23.41
C GLU B 105 -49.93 22.45 24.74
N GLU B 106 -51.24 22.17 24.73
CA GLU B 106 -52.00 22.09 25.97
C GLU B 106 -51.26 21.20 26.96
N LEU B 107 -50.50 20.24 26.41
CA LEU B 107 -49.68 19.35 27.20
C LEU B 107 -48.66 20.13 27.99
N GLU B 108 -48.29 21.30 27.47
CA GLU B 108 -47.38 22.20 28.18
C GLU B 108 -48.12 23.26 28.99
N ASP B 109 -49.38 23.55 28.62
CA ASP B 109 -50.26 24.29 29.52
C ASP B 109 -50.18 23.59 30.88
N ARG B 110 -50.51 22.29 30.91
CA ARG B 110 -50.56 21.58 32.21
C ARG B 110 -49.23 21.00 32.72
N ARG B 111 -48.27 20.71 31.84
CA ARG B 111 -46.93 20.39 32.32
C ARG B 111 -46.33 21.59 33.09
N ALA B 112 -46.41 22.79 32.51
CA ALA B 112 -45.84 23.99 33.15
C ALA B 112 -46.50 24.35 34.48
N SER B 113 -47.74 23.88 34.65
CA SER B 113 -48.52 24.13 35.86
C SER B 113 -48.34 22.99 36.87
N GLY B 114 -47.98 21.81 36.39
CA GLY B 114 -48.00 20.61 37.20
C GLY B 114 -49.45 20.14 37.31
N GLY B 115 -50.36 21.01 36.84
CA GLY B 115 -51.79 20.79 36.81
C GLY B 115 -52.44 20.41 38.12
N PRO B 116 -52.30 21.26 39.16
CA PRO B 116 -52.81 20.94 40.50
C PRO B 116 -54.27 20.53 40.47
N LEU B 117 -54.54 19.26 40.81
CA LEU B 117 -55.85 18.66 40.55
C LEU B 117 -56.83 18.71 41.70
N ALA B 118 -58.11 18.59 41.37
CA ALA B 118 -59.10 18.24 42.39
C ALA B 118 -58.89 16.76 42.63
N ALA B 119 -59.13 16.30 43.87
CA ALA B 119 -58.79 14.93 44.26
C ALA B 119 -59.53 13.86 43.46
N ALA B 120 -60.75 14.18 43.04
CA ALA B 120 -61.57 13.27 42.27
C ALA B 120 -61.01 13.18 40.88
N LEU B 121 -60.37 14.27 40.44
CA LEU B 121 -59.85 14.35 39.08
C LEU B 121 -58.77 13.31 38.76
N GLU B 122 -59.07 12.46 37.80
CA GLU B 122 -58.06 11.55 37.32
C GLU B 122 -57.11 12.39 36.51
N ALA B 123 -55.81 12.24 36.79
CA ALA B 123 -54.78 12.96 36.04
C ALA B 123 -54.71 12.40 34.61
N THR B 124 -54.55 13.28 33.63
CA THR B 124 -54.61 12.83 32.25
C THR B 124 -53.65 13.52 31.29
N ARG B 125 -53.08 14.66 31.67
CA ARG B 125 -52.64 15.61 30.65
C ARG B 125 -51.40 15.38 29.75
N PRO B 126 -50.27 14.87 30.27
CA PRO B 126 -49.25 14.58 29.24
C PRO B 126 -49.87 13.58 28.29
N ARG B 127 -50.40 14.07 27.16
CA ARG B 127 -51.31 13.31 26.29
C ARG B 127 -50.59 12.71 25.12
N ARG B 128 -49.61 13.45 24.62
CA ARG B 128 -48.69 12.99 23.60
C ARG B 128 -49.42 12.48 22.38
N TRP B 129 -50.18 13.37 21.77
CA TRP B 129 -50.89 13.06 20.54
C TRP B 129 -49.87 13.03 19.38
N LEU B 130 -48.76 13.74 19.54
CA LEU B 130 -47.73 13.79 18.50
C LEU B 130 -47.06 12.43 18.43
N GLN B 131 -46.54 12.02 19.58
CA GLN B 131 -45.93 10.71 19.73
C GLN B 131 -46.87 9.69 19.14
N ARG B 132 -48.16 9.94 19.32
CA ARG B 132 -49.20 9.05 18.88
C ARG B 132 -49.23 8.95 17.36
N TRP B 133 -49.22 10.11 16.71
CA TRP B 133 -49.05 10.16 15.25
C TRP B 133 -47.88 9.31 14.77
N ARG B 134 -46.72 9.57 15.34
CA ARG B 134 -45.57 8.74 15.08
C ARG B 134 -45.86 7.23 15.21
N GLY B 135 -46.58 6.84 16.25
CA GLY B 135 -47.03 5.47 16.34
C GLY B 135 -47.80 5.04 15.10
N VAL B 136 -48.62 5.94 14.56
CA VAL B 136 -49.42 5.52 13.42
C VAL B 136 -48.51 5.36 12.22
N VAL B 137 -47.52 6.24 12.13
CA VAL B 137 -46.60 6.19 11.00
C VAL B 137 -45.81 4.89 11.03
N ALA B 138 -45.30 4.53 12.20
CA ALA B 138 -44.57 3.29 12.34
C ALA B 138 -45.49 2.11 12.06
N GLU B 139 -46.79 2.32 12.22
CA GLU B 139 -47.77 1.28 11.94
C GLU B 139 -48.02 1.08 10.45
N VAL B 140 -48.02 2.16 9.68
CA VAL B 140 -48.24 2.01 8.25
C VAL B 140 -46.97 1.55 7.59
N ALA B 141 -45.86 2.09 8.07
CA ALA B 141 -44.54 1.59 7.69
C ALA B 141 -44.54 0.08 7.85
N ALA B 142 -44.76 -0.38 9.09
CA ALA B 142 -44.75 -1.79 9.35
C ALA B 142 -45.75 -2.55 8.47
N GLU B 143 -46.92 -1.98 8.27
CA GLU B 143 -47.94 -2.76 7.60
C GLU B 143 -47.61 -2.94 6.13
N ARG B 144 -46.78 -2.04 5.58
CA ARG B 144 -46.37 -2.13 4.17
C ARG B 144 -45.11 -2.94 3.94
N LEU B 145 -44.13 -2.72 4.80
CA LEU B 145 -42.85 -3.44 4.72
C LEU B 145 -43.00 -4.95 4.92
N ASP B 146 -44.03 -5.35 5.66
CA ASP B 146 -44.18 -6.75 6.01
C ASP B 146 -45.22 -7.41 5.14
N ALA B 147 -45.76 -6.69 4.16
CA ALA B 147 -46.78 -7.26 3.28
C ALA B 147 -46.17 -8.40 2.48
N GLN B 148 -46.95 -9.45 2.21
CA GLN B 148 -46.41 -10.59 1.47
C GLN B 148 -46.19 -10.20 0.02
N PRO B 149 -44.91 -10.09 -0.38
CA PRO B 149 -44.50 -9.49 -1.65
C PRO B 149 -45.10 -10.20 -2.85
N ALA B 150 -45.19 -9.51 -3.98
CA ALA B 150 -45.71 -10.08 -5.22
C ALA B 150 -44.65 -10.94 -5.88
N THR B 151 -43.47 -11.00 -5.26
CA THR B 151 -42.28 -11.60 -5.84
C THR B 151 -42.25 -13.15 -5.89
N ALA B 152 -41.15 -13.71 -5.39
CA ALA B 152 -40.81 -15.14 -5.44
C ALA B 152 -40.37 -15.73 -6.80
N PRO B 153 -39.35 -15.13 -7.45
CA PRO B 153 -38.72 -15.89 -8.55
C PRO B 153 -37.70 -16.91 -8.03
N GLU B 154 -37.46 -17.95 -8.83
CA GLU B 154 -36.64 -19.08 -8.41
C GLU B 154 -35.23 -18.66 -8.03
N GLY B 155 -34.65 -19.39 -7.08
CA GLY B 155 -33.33 -19.08 -6.58
C GLY B 155 -33.37 -18.01 -5.50
N ARG B 156 -34.53 -17.39 -5.31
CA ARG B 156 -34.66 -16.41 -4.25
C ARG B 156 -34.72 -17.05 -2.86
N SER B 157 -34.03 -16.41 -1.93
CA SER B 157 -34.16 -16.72 -0.54
C SER B 157 -35.54 -16.20 -0.12
N GLU B 158 -36.03 -16.61 1.04
CA GLU B 158 -37.16 -15.93 1.63
C GLU B 158 -36.64 -14.57 2.08
N ALA B 159 -35.44 -14.59 2.65
CA ALA B 159 -34.78 -13.35 3.06
C ALA B 159 -34.65 -12.41 1.87
N GLU B 160 -34.22 -12.93 0.73
CA GLU B 160 -34.05 -12.13 -0.47
C GLU B 160 -35.36 -11.48 -0.89
N SER B 161 -36.39 -12.27 -1.18
CA SER B 161 -37.71 -11.73 -1.53
C SER B 161 -38.18 -10.61 -0.59
N ARG B 162 -37.97 -10.85 0.71
CA ARG B 162 -38.31 -9.85 1.73
C ARG B 162 -37.45 -8.57 1.69
N PHE B 163 -36.14 -8.74 1.63
CA PHE B 163 -35.20 -7.64 1.46
C PHE B 163 -35.58 -6.76 0.27
N LEU B 164 -35.66 -7.37 -0.90
CA LEU B 164 -36.20 -6.74 -2.11
C LEU B 164 -37.45 -5.95 -1.81
N HIS B 165 -38.50 -6.66 -1.40
CA HIS B 165 -39.77 -6.03 -1.11
C HIS B 165 -39.64 -4.82 -0.18
N MSE B 166 -38.75 -4.90 0.80
CA MSE B 166 -38.59 -3.79 1.73
C MSE B 166 -37.87 -2.61 1.10
O MSE B 166 -38.22 -1.46 1.35
CB MSE B 166 -37.86 -4.24 2.98
CG MSE B 166 -38.82 -4.55 4.10
SE MSE B 166 -38.13 -5.68 5.50
CE MSE B 166 -39.65 -5.51 6.71
N GLY B 167 -36.87 -2.92 0.29
CA GLY B 167 -36.09 -1.92 -0.41
C GLY B 167 -36.94 -1.13 -1.38
N ARG B 168 -37.60 -1.85 -2.29
CA ARG B 168 -38.55 -1.26 -3.24
C ARG B 168 -39.63 -0.46 -2.51
N THR B 169 -40.30 -1.08 -1.55
CA THR B 169 -41.45 -0.42 -0.98
C THR B 169 -41.00 0.82 -0.29
N MSE B 170 -39.91 0.73 0.47
CA MSE B 170 -39.42 1.90 1.17
C MSE B 170 -39.12 3.02 0.18
O MSE B 170 -39.57 4.15 0.39
CB MSE B 170 -38.18 1.60 1.99
CG MSE B 170 -37.66 2.84 2.68
SE MSE B 170 -36.16 2.49 3.86
CE MSE B 170 -36.90 0.88 4.63
N LYS B 171 -38.40 2.70 -0.89
CA LYS B 171 -38.06 3.70 -1.91
C LYS B 171 -39.33 4.35 -2.47
N GLU B 172 -40.16 3.54 -3.10
CA GLU B 172 -41.49 3.96 -3.57
C GLU B 172 -42.20 4.93 -2.62
N ASP B 173 -42.48 4.44 -1.42
CA ASP B 173 -43.23 5.17 -0.43
C ASP B 173 -42.56 6.46 -0.02
N LEU B 174 -41.25 6.45 0.20
CA LEU B 174 -40.56 7.68 0.58
C LEU B 174 -40.53 8.73 -0.53
N GLU B 175 -40.43 8.27 -1.78
CA GLU B 175 -40.51 9.14 -2.94
C GLU B 175 -41.86 9.85 -2.91
N VAL B 176 -42.89 9.10 -2.52
CA VAL B 176 -44.20 9.71 -2.29
C VAL B 176 -44.33 10.70 -1.11
N VAL B 177 -43.82 10.33 0.07
CA VAL B 177 -43.80 11.27 1.19
C VAL B 177 -43.21 12.59 0.74
N VAL B 178 -41.99 12.53 0.20
CA VAL B 178 -41.30 13.76 -0.19
C VAL B 178 -42.04 14.56 -1.25
N GLU B 179 -42.52 13.88 -2.29
CA GLU B 179 -43.15 14.62 -3.38
C GLU B 179 -44.44 15.28 -2.90
N ARG B 180 -45.33 14.49 -2.33
CA ARG B 180 -46.65 15.02 -2.02
C ARG B 180 -47.00 15.24 -0.53
N LEU B 181 -46.22 14.67 0.39
CA LEU B 181 -46.60 14.84 1.78
C LEU B 181 -45.98 16.10 2.35
N LYS B 182 -44.68 16.28 2.08
CA LYS B 182 -43.88 17.37 2.66
C LYS B 182 -44.46 18.80 2.55
N PRO B 183 -45.11 19.15 1.41
CA PRO B 183 -45.72 20.48 1.33
C PRO B 183 -47.14 20.50 1.83
N LEU B 184 -47.53 19.48 2.60
CA LEU B 184 -48.85 19.40 3.20
C LEU B 184 -48.77 19.53 4.72
N PHE B 185 -47.63 19.16 5.28
CA PHE B 185 -47.39 19.28 6.71
C PHE B 185 -46.63 20.53 7.08
N PRO B 186 -46.90 21.07 8.27
CA PRO B 186 -46.00 22.09 8.78
C PRO B 186 -44.62 21.51 9.08
N ASP B 187 -43.64 22.40 9.21
CA ASP B 187 -42.28 22.01 9.56
C ASP B 187 -42.20 21.53 11.00
N GLU B 188 -43.28 21.74 11.76
CA GLU B 188 -43.32 21.22 13.13
C GLU B 188 -43.19 19.70 13.13
N PHE B 189 -43.70 19.06 12.09
CA PHE B 189 -43.89 17.62 12.15
C PHE B 189 -42.73 16.83 11.56
N ASN B 190 -42.17 17.35 10.48
CA ASN B 190 -41.08 16.70 9.76
C ASN B 190 -41.52 15.39 9.13
N VAL B 191 -42.47 15.47 8.22
CA VAL B 191 -42.99 14.28 7.54
C VAL B 191 -41.88 13.40 7.01
N VAL B 192 -41.05 14.01 6.17
CA VAL B 192 -39.91 13.35 5.53
C VAL B 192 -39.07 12.60 6.55
N ARG B 193 -38.66 13.28 7.61
CA ARG B 193 -37.87 12.62 8.63
C ARG B 193 -38.67 11.51 9.32
N THR B 194 -39.94 11.76 9.61
CA THR B 194 -40.71 10.85 10.45
C THR B 194 -40.88 9.51 9.74
N TYR B 195 -41.18 9.59 8.45
CA TYR B 195 -41.40 8.41 7.64
C TYR B 195 -40.07 7.73 7.30
N ALA B 196 -39.05 8.54 7.01
CA ALA B 196 -37.71 8.00 6.85
C ALA B 196 -37.35 7.10 8.06
N GLU B 197 -37.17 7.71 9.23
CA GLU B 197 -36.84 6.95 10.43
C GLU B 197 -37.79 5.78 10.65
N SER B 198 -39.09 5.99 10.53
CA SER B 198 -40.04 4.90 10.79
C SER B 198 -39.74 3.69 9.92
N TYR B 199 -39.71 3.93 8.61
CA TYR B 199 -39.39 2.87 7.67
C TYR B 199 -38.02 2.22 7.94
N HIS B 200 -36.99 3.04 7.93
CA HIS B 200 -35.63 2.61 8.21
C HIS B 200 -35.56 1.72 9.43
N TYR B 201 -35.76 2.32 10.60
CA TYR B 201 -35.75 1.59 11.88
C TYR B 201 -36.52 0.29 11.81
N HIS B 202 -37.61 0.26 11.02
CA HIS B 202 -38.32 -0.99 10.84
C HIS B 202 -37.50 -2.02 10.10
N PHE B 203 -37.05 -1.67 8.89
CA PHE B 203 -36.15 -2.51 8.08
C PHE B 203 -35.00 -3.05 8.91
N ALA B 204 -34.31 -2.13 9.57
CA ALA B 204 -33.17 -2.46 10.39
C ALA B 204 -33.55 -3.35 11.59
N SER B 205 -34.81 -3.27 12.03
CA SER B 205 -35.27 -4.21 13.05
C SER B 205 -35.28 -5.57 12.42
N HIS B 206 -35.95 -5.64 11.28
CA HIS B 206 -36.14 -6.89 10.55
C HIS B 206 -34.81 -7.61 10.33
N LEU B 207 -33.76 -6.84 10.04
CA LEU B 207 -32.43 -7.43 9.92
C LEU B 207 -31.81 -7.79 11.27
N CYS B 208 -31.77 -6.83 12.21
CA CYS B 208 -31.14 -7.00 13.54
C CYS B 208 -31.65 -8.28 14.20
N ALA B 209 -32.87 -8.66 13.82
CA ALA B 209 -33.57 -9.84 14.31
C ALA B 209 -33.03 -11.09 13.67
N LEU B 210 -32.91 -11.02 12.36
CA LEU B 210 -32.37 -12.11 11.55
C LEU B 210 -30.93 -12.46 11.94
N ALA B 211 -30.11 -11.43 12.16
CA ALA B 211 -28.68 -11.55 12.42
C ALA B 211 -28.27 -12.47 13.57
N GLN B 212 -29.25 -12.88 14.36
CA GLN B 212 -28.98 -13.72 15.51
C GLN B 212 -29.46 -15.11 15.24
N PHE B 213 -29.38 -15.51 13.97
CA PHE B 213 -29.53 -16.91 13.55
C PHE B 213 -28.32 -17.34 12.74
N GLU B 214 -27.96 -18.62 12.81
CA GLU B 214 -26.98 -19.11 11.88
C GLU B 214 -27.71 -19.18 10.56
N LEU B 215 -27.10 -18.76 9.47
CA LEU B 215 -27.80 -18.84 8.18
C LEU B 215 -27.03 -19.31 6.94
N CYS B 216 -27.79 -19.86 5.99
CA CYS B 216 -27.36 -20.30 4.67
C CYS B 216 -26.27 -19.38 4.16
N GLU B 217 -25.16 -19.93 3.68
CA GLU B 217 -24.06 -19.08 3.20
C GLU B 217 -24.54 -18.02 2.21
N ARG B 218 -25.44 -18.42 1.31
CA ARG B 218 -26.17 -17.51 0.42
C ARG B 218 -26.67 -16.29 1.16
N ASP B 219 -27.50 -16.53 2.16
CA ASP B 219 -28.10 -15.47 2.96
C ASP B 219 -27.10 -14.71 3.83
N THR B 220 -26.20 -15.43 4.49
CA THR B 220 -25.15 -14.79 5.27
C THR B 220 -24.45 -13.77 4.40
N TYR B 221 -24.37 -14.06 3.10
CA TYR B 221 -23.79 -13.14 2.16
C TYR B 221 -24.72 -11.99 1.79
N LEU B 222 -25.91 -12.31 1.27
CA LEU B 222 -26.73 -11.25 0.67
C LEU B 222 -27.31 -10.28 1.69
N LEU B 223 -27.36 -10.74 2.94
CA LEU B 223 -27.60 -9.83 4.08
C LEU B 223 -26.51 -8.75 4.17
N LEU B 224 -25.28 -9.17 4.44
CA LEU B 224 -24.10 -8.29 4.36
C LEU B 224 -24.09 -7.38 3.14
N LEU B 225 -24.52 -7.94 2.01
CA LEU B 225 -24.52 -7.22 0.74
C LEU B 225 -25.47 -6.02 0.78
N TRP B 226 -26.69 -6.29 1.22
CA TRP B 226 -27.69 -5.24 1.41
C TRP B 226 -27.29 -4.20 2.45
N VAL B 227 -26.74 -4.65 3.56
CA VAL B 227 -26.34 -3.76 4.63
C VAL B 227 -25.21 -2.83 4.22
N GLN B 228 -24.23 -3.34 3.48
CA GLN B 228 -23.05 -2.55 3.14
C GLN B 228 -23.10 -1.87 1.77
N ASN B 229 -23.96 -2.34 0.89
CA ASN B 229 -23.86 -1.88 -0.48
C ASN B 229 -25.15 -1.40 -1.15
N LEU B 230 -26.28 -2.00 -0.84
CA LEU B 230 -27.45 -1.70 -1.65
C LEU B 230 -28.46 -0.91 -0.87
N TYR B 231 -28.50 -1.09 0.44
CA TYR B 231 -29.32 -0.20 1.24
C TYR B 231 -28.81 1.24 1.16
N PRO B 232 -27.50 1.42 1.39
CA PRO B 232 -27.08 2.84 1.34
C PRO B 232 -27.00 3.37 -0.09
N ASN B 233 -26.32 2.65 -0.95
CA ASN B 233 -26.08 3.11 -2.30
C ASN B 233 -27.30 3.07 -3.22
N ASP B 234 -28.23 2.15 -2.96
CA ASP B 234 -29.36 1.97 -3.87
C ASP B 234 -30.74 2.43 -3.38
N ILE B 235 -31.01 2.39 -2.07
CA ILE B 235 -32.29 2.94 -1.59
C ILE B 235 -32.09 4.27 -0.86
N LEU B 236 -31.44 4.20 0.30
CA LEU B 236 -31.09 5.34 1.13
C LEU B 236 -30.68 6.60 0.34
N ASN B 237 -29.41 6.68 -0.03
CA ASN B 237 -28.93 7.82 -0.81
C ASN B 237 -28.83 7.45 -2.28
N SER B 238 -29.90 7.73 -3.04
CA SER B 238 -29.91 7.37 -4.46
C SER B 238 -30.94 8.07 -5.37
N PRO B 239 -32.22 8.01 -5.02
CA PRO B 239 -33.18 8.45 -6.05
C PRO B 239 -33.43 9.97 -6.09
N LYS B 240 -34.69 10.34 -5.83
CA LYS B 240 -35.06 11.71 -5.55
C LYS B 240 -34.90 11.90 -4.04
N LEU B 241 -34.92 10.77 -3.34
CA LEU B 241 -34.71 10.70 -1.91
C LEU B 241 -33.31 11.12 -1.51
N ALA B 242 -32.35 10.88 -2.39
CA ALA B 242 -30.93 10.99 -2.06
C ALA B 242 -30.65 12.31 -1.35
N GLN B 243 -31.30 13.36 -1.84
CA GLN B 243 -31.13 14.70 -1.31
C GLN B 243 -31.79 14.86 0.05
N GLU B 244 -33.08 14.56 0.11
CA GLU B 244 -33.86 14.62 1.36
C GLU B 244 -33.23 13.89 2.54
N LEU B 245 -32.90 12.62 2.32
CA LEU B 245 -32.36 11.77 3.37
C LEU B 245 -30.92 12.12 3.77
N GLN B 246 -30.45 13.28 3.31
CA GLN B 246 -29.12 13.76 3.66
C GLN B 246 -29.14 14.24 5.11
N GLY B 247 -30.08 15.12 5.41
CA GLY B 247 -30.24 15.66 6.75
C GLY B 247 -30.60 14.61 7.78
N VAL B 248 -31.51 13.73 7.35
CA VAL B 248 -32.07 12.67 8.20
C VAL B 248 -31.02 11.78 8.91
N GLY B 249 -29.82 11.69 8.34
CA GLY B 249 -28.68 11.00 8.97
C GLY B 249 -28.83 9.54 9.36
N LEU B 250 -29.47 8.74 8.50
CA LEU B 250 -29.81 7.38 8.86
C LEU B 250 -28.61 6.48 8.89
N GLY B 251 -28.40 5.85 10.04
CA GLY B 251 -27.31 4.90 10.21
C GLY B 251 -27.47 3.61 9.41
N SER B 252 -26.62 2.65 9.74
CA SER B 252 -26.56 1.34 9.10
C SER B 252 -27.66 0.44 9.59
N LEU B 253 -28.08 -0.54 8.81
CA LEU B 253 -29.10 -1.46 9.31
C LEU B 253 -28.61 -2.30 10.49
N LEU B 254 -27.30 -2.43 10.65
CA LEU B 254 -26.73 -3.20 11.75
C LEU B 254 -25.54 -2.45 12.35
N PRO B 255 -25.22 -2.72 13.61
CA PRO B 255 -24.12 -1.94 14.20
C PRO B 255 -22.74 -2.40 13.75
N PRO B 256 -21.77 -1.48 13.75
CA PRO B 256 -20.35 -1.70 13.47
C PRO B 256 -19.84 -3.08 13.86
N LYS B 257 -19.68 -3.33 15.16
CA LYS B 257 -19.13 -4.61 15.59
C LYS B 257 -19.84 -5.79 14.91
N GLN B 258 -21.13 -5.63 14.65
CA GLN B 258 -21.87 -6.73 14.05
C GLN B 258 -21.56 -6.93 12.59
N ILE B 259 -21.44 -5.83 11.85
CA ILE B 259 -21.08 -5.97 10.45
C ILE B 259 -19.69 -6.55 10.37
N ARG B 260 -18.71 -5.94 11.05
CA ARG B 260 -17.33 -6.42 11.00
C ARG B 260 -17.27 -7.91 11.29
N LEU B 261 -18.00 -8.32 12.32
CA LEU B 261 -18.18 -9.74 12.60
C LEU B 261 -18.64 -10.47 11.34
N LEU B 262 -19.69 -9.92 10.73
CA LEU B 262 -20.36 -10.60 9.64
C LEU B 262 -19.50 -10.75 8.40
N GLU B 263 -18.85 -9.65 8.00
CA GLU B 263 -17.86 -9.64 6.94
C GLU B 263 -16.88 -10.77 7.20
N ALA B 264 -16.23 -10.71 8.37
CA ALA B 264 -15.27 -11.72 8.75
C ALA B 264 -15.83 -13.16 8.63
N MSE B 265 -17.12 -13.31 8.86
CA MSE B 265 -17.75 -14.61 8.68
C MSE B 265 -17.81 -14.97 7.20
O MSE B 265 -17.51 -16.10 6.80
CB MSE B 265 -19.19 -14.58 9.22
CG MSE B 265 -19.35 -14.36 10.71
SE MSE B 265 -21.20 -14.77 11.20
CE MSE B 265 -21.45 -16.36 10.07
N PHE B 266 -18.23 -13.99 6.42
CA PHE B 266 -18.58 -14.22 5.03
C PHE B 266 -17.36 -14.68 4.30
N LEU B 267 -16.25 -14.02 4.55
CA LEU B 267 -15.08 -14.35 3.77
C LEU B 267 -14.44 -15.68 4.20
N SER B 268 -14.70 -16.11 5.42
CA SER B 268 -14.35 -17.47 5.80
C SER B 268 -15.20 -18.43 4.96
N ASN B 269 -16.50 -18.16 4.94
CA ASN B 269 -17.41 -18.90 4.06
C ASN B 269 -16.94 -18.95 2.60
N GLU B 270 -16.59 -17.79 2.09
CA GLU B 270 -16.30 -17.60 0.68
C GLU B 270 -14.99 -18.27 0.29
N VAL B 271 -13.92 -17.93 1.02
CA VAL B 271 -12.64 -18.58 0.81
C VAL B 271 -12.79 -20.08 0.87
N THR B 272 -13.30 -20.62 1.96
CA THR B 272 -13.35 -22.08 2.07
C THR B 272 -14.21 -22.70 0.98
N SER B 273 -15.20 -21.93 0.51
CA SER B 273 -15.92 -22.35 -0.70
C SER B 273 -14.97 -22.51 -1.90
N VAL B 274 -14.20 -21.48 -2.24
CA VAL B 274 -13.31 -21.64 -3.40
C VAL B 274 -12.29 -22.75 -3.16
N LYS B 275 -11.74 -22.82 -1.95
CA LYS B 275 -10.75 -23.82 -1.63
C LYS B 275 -11.29 -25.20 -1.98
N GLN B 276 -12.54 -25.44 -1.60
CA GLN B 276 -13.19 -26.70 -1.93
C GLN B 276 -13.43 -26.90 -3.42
N LEU B 277 -13.90 -25.85 -4.10
CA LEU B 277 -14.15 -25.93 -5.53
C LEU B 277 -12.90 -26.24 -6.35
N MSE B 278 -11.80 -25.57 -6.00
CA MSE B 278 -10.48 -25.84 -6.54
C MSE B 278 -10.08 -27.27 -6.28
O MSE B 278 -9.99 -28.06 -7.20
CB MSE B 278 -9.46 -24.93 -5.88
CG MSE B 278 -9.46 -23.52 -6.38
SE MSE B 278 -8.03 -22.57 -5.49
CE MSE B 278 -7.86 -21.15 -6.72
N ALA B 279 -9.85 -27.61 -5.01
CA ALA B 279 -9.52 -28.99 -4.62
C ALA B 279 -10.31 -30.04 -5.39
N ARG B 280 -11.61 -29.78 -5.56
CA ARG B 280 -12.50 -30.66 -6.28
C ARG B 280 -12.23 -30.65 -7.79
N ALA B 281 -11.83 -29.49 -8.33
CA ALA B 281 -11.53 -29.39 -9.76
C ALA B 281 -10.20 -30.07 -10.10
N LEU B 282 -9.21 -29.86 -9.23
CA LEU B 282 -7.92 -30.54 -9.29
C LEU B 282 -8.13 -32.04 -9.25
N GLU B 283 -8.65 -32.56 -8.15
CA GLU B 283 -8.90 -34.00 -8.04
C GLU B 283 -9.72 -34.55 -9.21
N LEU B 284 -10.75 -33.80 -9.61
CA LEU B 284 -11.59 -34.19 -10.76
C LEU B 284 -10.74 -34.28 -12.01
N GLU B 285 -9.61 -33.58 -12.01
CA GLU B 285 -8.65 -33.71 -13.10
C GLU B 285 -7.71 -34.87 -12.90
N SER B 286 -7.36 -35.15 -11.65
CA SER B 286 -6.42 -36.22 -11.31
C SER B 286 -7.04 -37.55 -11.71
N GLN B 287 -8.36 -37.59 -11.75
CA GLN B 287 -9.03 -38.77 -12.27
C GLN B 287 -8.98 -38.80 -13.79
N ARG B 288 -8.77 -37.64 -14.42
CA ARG B 288 -8.57 -37.63 -15.88
C ARG B 288 -7.18 -38.07 -16.28
N TRP B 289 -6.15 -37.60 -15.55
CA TRP B 289 -4.80 -38.15 -15.67
C TRP B 289 -4.92 -39.66 -15.52
N THR B 290 -5.44 -40.10 -14.38
CA THR B 290 -5.45 -41.53 -14.04
C THR B 290 -6.35 -42.38 -14.95
N GLN B 291 -7.38 -41.81 -15.54
CA GLN B 291 -8.22 -42.60 -16.44
C GLN B 291 -7.76 -42.45 -17.88
N ASP B 292 -6.68 -41.68 -18.06
CA ASP B 292 -6.12 -41.34 -19.39
C ASP B 292 -7.18 -40.94 -20.43
N VAL B 293 -8.03 -40.02 -20.01
CA VAL B 293 -8.98 -39.36 -20.89
C VAL B 293 -8.18 -38.57 -21.92
N ALA B 294 -8.58 -38.62 -23.18
CA ALA B 294 -7.83 -37.95 -24.25
C ALA B 294 -8.28 -36.50 -24.43
N PRO B 295 -7.37 -35.52 -24.18
CA PRO B 295 -7.57 -34.09 -24.45
C PRO B 295 -7.63 -33.76 -25.95
N GLN B 296 -8.50 -32.80 -26.30
CA GLN B 296 -8.66 -32.33 -27.68
C GLN B 296 -8.31 -30.85 -27.69
N SER B 297 -8.29 -30.22 -28.87
CA SER B 297 -7.76 -28.85 -28.94
C SER B 297 -7.88 -28.07 -30.25
N LEU B 298 -7.50 -26.79 -30.17
CA LEU B 298 -7.46 -25.89 -31.32
C LEU B 298 -6.03 -25.63 -31.78
N ASP B 299 -5.17 -25.22 -30.86
CA ASP B 299 -3.76 -25.01 -31.19
C ASP B 299 -3.12 -26.32 -31.63
N GLY B 300 -3.10 -27.28 -30.71
CA GLY B 300 -2.53 -28.58 -30.95
C GLY B 300 -2.79 -29.40 -29.71
N HIS B 301 -2.71 -28.73 -28.56
CA HIS B 301 -3.11 -29.36 -27.31
C HIS B 301 -3.79 -28.36 -26.42
N CYS B 302 -4.60 -28.90 -25.52
CA CYS B 302 -5.34 -28.10 -24.56
C CYS B 302 -5.90 -29.00 -23.47
N HIS B 303 -5.80 -28.52 -22.24
CA HIS B 303 -6.52 -29.07 -21.12
C HIS B 303 -6.93 -27.88 -20.31
N SER B 304 -6.87 -26.71 -20.94
CA SER B 304 -6.97 -25.42 -20.25
C SER B 304 -8.19 -25.35 -19.35
N GLU B 305 -9.05 -26.36 -19.47
CA GLU B 305 -10.10 -26.62 -18.50
C GLU B 305 -9.64 -26.36 -17.07
N LEU B 306 -8.59 -27.03 -16.60
CA LEU B 306 -8.10 -26.81 -15.24
C LEU B 306 -7.70 -25.35 -14.99
N ALA B 307 -7.08 -24.73 -15.99
CA ALA B 307 -6.58 -23.36 -15.86
C ALA B 307 -7.70 -22.35 -15.71
N ILE B 308 -8.47 -22.19 -16.79
CA ILE B 308 -9.63 -21.31 -16.78
C ILE B 308 -10.58 -21.61 -15.63
N ASP B 309 -10.74 -22.89 -15.27
CA ASP B 309 -11.65 -23.24 -14.19
C ASP B 309 -11.14 -22.72 -12.88
N ILE B 310 -9.94 -23.10 -12.48
CA ILE B 310 -9.36 -22.55 -11.24
C ILE B 310 -9.45 -21.01 -11.20
N LEU B 311 -9.04 -20.36 -12.29
CA LEU B 311 -9.11 -18.90 -12.27
C LEU B 311 -10.54 -18.36 -12.27
N GLN B 312 -11.47 -19.18 -12.75
CA GLN B 312 -12.89 -18.84 -12.79
C GLN B 312 -13.45 -18.80 -11.39
N ILE B 313 -13.18 -19.88 -10.66
CA ILE B 313 -13.47 -19.95 -9.23
C ILE B 313 -12.94 -18.69 -8.52
N ILE B 314 -11.66 -18.38 -8.72
CA ILE B 314 -11.13 -17.17 -8.08
C ILE B 314 -11.87 -15.88 -8.45
N SER B 315 -12.06 -15.64 -9.74
CA SER B 315 -12.71 -14.40 -10.17
C SER B 315 -14.14 -14.29 -9.63
N GLN B 316 -14.81 -15.44 -9.45
CA GLN B 316 -16.12 -15.41 -8.79
C GLN B 316 -16.02 -14.95 -7.33
N GLY B 317 -15.23 -15.64 -6.52
CA GLY B 317 -15.11 -15.25 -5.12
C GLY B 317 -14.67 -13.79 -4.95
N GLN B 318 -13.86 -13.35 -5.90
CA GLN B 318 -13.36 -11.97 -5.95
C GLN B 318 -14.49 -10.99 -6.24
N THR B 319 -15.30 -11.29 -7.24
CA THR B 319 -16.48 -10.49 -7.53
C THR B 319 -17.40 -10.38 -6.33
N LYS B 320 -17.76 -11.52 -5.75
CA LYS B 320 -18.64 -11.53 -4.59
C LYS B 320 -18.10 -10.59 -3.53
N ALA B 321 -16.86 -10.81 -3.08
CA ALA B 321 -16.25 -9.92 -2.09
C ALA B 321 -16.30 -8.45 -2.53
N GLU B 322 -16.10 -8.23 -3.82
CA GLU B 322 -16.09 -6.89 -4.40
C GLU B 322 -17.45 -6.17 -4.31
N ASN B 323 -18.53 -6.94 -4.24
CA ASN B 323 -19.86 -6.34 -4.13
C ASN B 323 -20.23 -5.96 -2.69
N ILE B 324 -19.23 -5.81 -1.83
CA ILE B 324 -19.48 -5.41 -0.46
C ILE B 324 -18.67 -4.15 -0.14
N THR B 325 -17.50 -4.28 0.46
CA THR B 325 -16.62 -3.13 0.53
C THR B 325 -15.58 -3.29 -0.56
N SER B 326 -14.99 -2.17 -0.94
CA SER B 326 -13.74 -2.16 -1.67
C SER B 326 -12.75 -2.92 -0.79
N ASP B 327 -12.84 -2.64 0.51
CA ASP B 327 -11.99 -3.28 1.51
C ASP B 327 -12.18 -4.80 1.64
N VAL B 328 -13.41 -5.27 1.51
CA VAL B 328 -13.63 -6.70 1.57
C VAL B 328 -13.05 -7.35 0.33
N GLY B 329 -13.42 -6.83 -0.83
CA GLY B 329 -12.87 -7.29 -2.09
C GLY B 329 -11.35 -7.30 -2.10
N MSE B 330 -10.73 -6.49 -1.26
CA MSE B 330 -9.27 -6.49 -1.17
C MSE B 330 -8.76 -7.59 -0.23
O MSE B 330 -7.79 -8.32 -0.52
CB MSE B 330 -8.79 -5.11 -0.71
CG MSE B 330 -7.30 -4.91 -0.77
SE MSE B 330 -6.74 -3.67 0.62
CE MSE B 330 -7.17 -4.73 2.22
N GLN B 331 -9.45 -7.74 0.89
CA GLN B 331 -9.06 -8.70 1.90
C GLN B 331 -9.21 -10.14 1.42
N ILE B 332 -10.20 -10.36 0.53
CA ILE B 332 -10.40 -11.68 -0.05
C ILE B 332 -9.33 -11.95 -1.10
N LYS B 333 -8.92 -10.92 -1.84
CA LYS B 333 -7.77 -11.05 -2.73
C LYS B 333 -6.58 -11.62 -1.94
N GLN B 334 -6.13 -10.86 -0.95
CA GLN B 334 -4.96 -11.30 -0.18
C GLN B 334 -5.17 -12.69 0.44
N LEU B 335 -6.40 -12.97 0.84
CA LEU B 335 -6.75 -14.28 1.42
C LEU B 335 -6.74 -15.41 0.37
N LEU B 336 -6.94 -15.04 -0.88
CA LEU B 336 -7.14 -16.00 -1.96
C LEU B 336 -5.79 -16.37 -2.57
N LEU B 337 -4.87 -15.41 -2.53
CA LEU B 337 -3.52 -15.70 -2.95
C LEU B 337 -3.06 -17.02 -2.34
N VAL B 338 -3.07 -17.06 -1.01
CA VAL B 338 -2.67 -18.23 -0.22
C VAL B 338 -3.29 -19.56 -0.68
N GLU B 339 -4.59 -19.51 -0.95
CA GLU B 339 -5.31 -20.70 -1.37
C GLU B 339 -4.82 -21.16 -2.72
N LEU B 340 -4.61 -20.20 -3.61
CA LEU B 340 -4.07 -20.49 -4.94
C LEU B 340 -2.67 -21.11 -4.85
N ALA B 341 -1.82 -20.55 -3.99
CA ALA B 341 -0.49 -21.10 -3.72
C ALA B 341 -0.56 -22.58 -3.36
N ALA B 342 -1.31 -22.86 -2.30
CA ALA B 342 -1.52 -24.24 -1.85
C ALA B 342 -2.03 -25.11 -2.98
N LEU B 343 -2.92 -24.55 -3.78
CA LEU B 343 -3.54 -25.29 -4.85
C LEU B 343 -2.49 -25.75 -5.83
N LEU B 344 -1.61 -24.82 -6.21
CA LEU B 344 -0.54 -25.10 -7.18
C LEU B 344 0.45 -26.13 -6.69
N ARG B 345 0.91 -25.99 -5.45
CA ARG B 345 1.71 -27.05 -4.82
C ARG B 345 1.03 -28.40 -5.03
N SER B 346 -0.20 -28.54 -4.52
CA SER B 346 -0.90 -29.80 -4.64
C SER B 346 -1.15 -30.24 -6.09
N TYR B 347 -1.13 -29.28 -7.02
CA TYR B 347 -1.23 -29.55 -8.46
C TYR B 347 0.04 -30.25 -8.94
N GLN B 348 1.17 -29.79 -8.43
CA GLN B 348 2.45 -30.36 -8.86
C GLN B 348 2.69 -31.71 -8.19
N ARG B 349 2.21 -31.87 -6.96
CA ARG B 349 2.15 -33.20 -6.37
C ARG B 349 1.34 -34.10 -7.30
N ALA B 350 0.09 -33.70 -7.52
CA ALA B 350 -0.88 -34.55 -8.23
C ALA B 350 -0.52 -34.78 -9.68
N PHE B 351 0.46 -34.03 -10.16
CA PHE B 351 1.00 -34.31 -11.47
C PHE B 351 2.17 -35.26 -11.33
N ASP B 352 2.95 -35.10 -10.26
CA ASP B 352 4.14 -35.92 -10.02
C ASP B 352 3.82 -37.40 -9.74
N GLU B 353 2.76 -37.66 -8.98
CA GLU B 353 2.35 -39.05 -8.78
C GLU B 353 1.92 -39.66 -10.13
N PHE B 354 1.16 -38.89 -10.90
CA PHE B 354 0.75 -39.31 -12.24
C PHE B 354 1.95 -39.70 -13.07
N LEU B 355 2.96 -38.83 -13.07
CA LEU B 355 4.15 -39.06 -13.87
C LEU B 355 4.87 -40.32 -13.43
N GLU B 356 5.07 -40.45 -12.12
CA GLU B 356 5.89 -41.53 -11.60
C GLU B 356 5.17 -42.88 -11.48
N LYS B 357 3.87 -42.91 -11.76
CA LYS B 357 3.14 -44.17 -11.77
C LYS B 357 2.53 -44.60 -13.12
N SER B 358 1.74 -43.71 -13.73
CA SER B 358 0.99 -44.03 -14.95
C SER B 358 1.76 -44.11 -16.27
N LYS B 359 3.07 -44.38 -16.22
CA LYS B 359 3.94 -44.34 -17.43
C LYS B 359 3.46 -45.26 -18.56
N LEU B 360 2.52 -46.14 -18.24
CA LEU B 360 2.02 -47.11 -19.18
C LEU B 360 0.83 -46.61 -20.00
N LEU B 361 -0.04 -45.82 -19.38
CA LEU B 361 -1.31 -45.39 -19.98
C LEU B 361 -1.19 -44.87 -21.41
N ARG B 362 -2.14 -45.26 -22.25
CA ARG B 362 -2.07 -45.02 -23.69
C ARG B 362 -2.16 -43.54 -24.07
N ASN B 363 -2.65 -42.72 -23.15
CA ASN B 363 -2.66 -41.28 -23.36
C ASN B 363 -1.77 -40.54 -22.37
N TYR B 364 -0.68 -41.19 -21.96
CA TYR B 364 0.27 -40.60 -20.99
C TYR B 364 1.11 -39.50 -21.63
N ARG B 365 1.44 -39.67 -22.90
CA ARG B 365 2.26 -38.69 -23.62
C ARG B 365 1.53 -37.38 -23.85
N VAL B 366 0.22 -37.48 -24.10
CA VAL B 366 -0.58 -36.31 -24.46
C VAL B 366 -0.88 -35.39 -23.26
N ASN B 367 -1.48 -35.99 -22.23
CA ASN B 367 -1.87 -35.29 -20.98
C ASN B 367 -0.79 -34.34 -20.46
N ILE B 368 0.44 -34.84 -20.43
CA ILE B 368 1.60 -34.07 -20.02
C ILE B 368 1.67 -32.75 -20.78
N MSE B 369 1.61 -32.87 -22.10
CA MSE B 369 1.66 -31.68 -22.95
C MSE B 369 0.52 -30.72 -22.64
O MSE B 369 0.73 -29.50 -22.55
CB MSE B 369 1.62 -32.09 -24.41
CG MSE B 369 2.69 -33.08 -24.83
SE MSE B 369 2.90 -33.03 -26.76
CE MSE B 369 2.40 -34.87 -27.18
N ALA B 370 -0.67 -31.28 -22.48
CA ALA B 370 -1.83 -30.45 -22.13
C ALA B 370 -1.59 -29.59 -20.86
N ASN B 371 -0.98 -30.20 -19.85
CA ASN B 371 -0.57 -29.46 -18.64
C ASN B 371 0.48 -28.39 -18.88
N ILE B 372 1.45 -28.76 -19.70
CA ILE B 372 2.45 -27.79 -20.12
C ILE B 372 1.76 -26.55 -20.70
N ASN B 373 0.70 -26.75 -21.49
CA ASN B 373 -0.02 -25.62 -22.05
C ASN B 373 -0.96 -24.93 -21.06
N ASN B 374 -1.29 -25.62 -19.97
CA ASN B 374 -1.95 -24.96 -18.86
C ASN B 374 -1.09 -23.84 -18.29
N CYS B 375 0.17 -24.16 -18.01
CA CYS B 375 1.10 -23.20 -17.39
C CYS B 375 1.18 -21.84 -18.11
N LEU B 376 0.91 -21.85 -19.40
CA LEU B 376 0.85 -20.63 -20.19
C LEU B 376 -0.26 -19.75 -19.69
N PHE B 377 -1.48 -20.30 -19.76
CA PHE B 377 -2.67 -19.56 -19.34
C PHE B 377 -2.54 -19.08 -17.89
N PHE B 378 -2.02 -19.94 -17.02
CA PHE B 378 -1.78 -19.55 -15.63
C PHE B 378 -0.87 -18.32 -15.50
N TRP B 379 0.33 -18.38 -16.07
CA TRP B 379 1.27 -17.24 -16.01
C TRP B 379 0.60 -15.98 -16.49
N THR B 380 0.12 -16.10 -17.73
CA THR B 380 -0.53 -15.03 -18.45
C THR B 380 -1.61 -14.33 -17.61
N SER B 381 -2.53 -15.12 -17.07
CA SER B 381 -3.70 -14.58 -16.37
C SER B 381 -3.41 -14.09 -14.93
N VAL B 382 -2.58 -14.82 -14.18
CA VAL B 382 -2.19 -14.39 -12.83
C VAL B 382 -1.47 -13.04 -12.86
N GLU B 383 -0.48 -12.92 -13.75
CA GLU B 383 0.26 -11.67 -13.92
C GLU B 383 -0.70 -10.49 -14.04
N GLN B 384 -1.60 -10.60 -15.01
CA GLN B 384 -2.66 -9.60 -15.22
C GLN B 384 -3.49 -9.34 -13.98
N LYS B 385 -4.31 -10.33 -13.59
CA LYS B 385 -5.28 -10.19 -12.50
C LYS B 385 -4.74 -9.62 -11.19
N TRP B 386 -3.62 -10.16 -10.72
CA TRP B 386 -3.14 -9.76 -9.40
C TRP B 386 -2.35 -8.46 -9.40
N GLN B 387 -1.37 -8.39 -10.28
CA GLN B 387 -0.41 -7.29 -10.29
C GLN B 387 0.32 -7.18 -8.96
N ILE B 388 1.33 -8.02 -8.79
CA ILE B 388 2.19 -7.99 -7.62
C ILE B 388 3.64 -7.80 -8.04
N SER B 389 4.51 -7.66 -7.06
CA SER B 389 5.95 -7.61 -7.27
C SER B 389 6.39 -8.83 -8.09
N HIS B 390 7.41 -8.68 -8.93
CA HIS B 390 7.85 -9.77 -9.79
C HIS B 390 8.41 -10.93 -8.99
N ASP B 391 9.10 -10.62 -7.90
CA ASP B 391 9.55 -11.65 -6.99
C ASP B 391 8.33 -12.39 -6.43
N SER B 392 7.26 -11.65 -6.16
CA SER B 392 6.02 -12.25 -5.65
C SER B 392 5.39 -13.19 -6.67
N LEU B 393 5.30 -12.73 -7.91
CA LEU B 393 4.75 -13.52 -9.01
C LEU B 393 5.49 -14.84 -9.10
N ASN B 394 6.82 -14.75 -9.10
CA ASN B 394 7.63 -15.94 -9.24
C ASN B 394 7.53 -16.89 -8.03
N ARG B 395 7.44 -16.31 -6.83
CA ARG B 395 7.21 -17.07 -5.60
C ARG B 395 5.95 -17.93 -5.71
N LEU B 396 4.84 -17.30 -6.07
CA LEU B 396 3.55 -17.99 -6.19
C LEU B 396 3.54 -19.04 -7.29
N LEU B 397 4.00 -18.65 -8.47
CA LEU B 397 3.94 -19.52 -9.65
C LEU B 397 5.06 -20.54 -9.71
N GLU B 398 5.88 -20.58 -8.66
CA GLU B 398 7.01 -21.51 -8.62
C GLU B 398 6.66 -23.00 -8.83
N PRO B 399 5.62 -23.53 -8.15
CA PRO B 399 5.39 -24.96 -8.40
C PRO B 399 4.87 -25.25 -9.82
N LEU B 400 4.60 -24.20 -10.59
CA LEU B 400 4.21 -24.40 -11.98
C LEU B 400 5.41 -24.52 -12.89
N LYS B 401 6.57 -24.06 -12.41
CA LYS B 401 7.81 -24.25 -13.14
C LYS B 401 8.20 -25.71 -12.97
N ASP B 402 8.18 -26.16 -11.73
CA ASP B 402 8.58 -27.53 -11.42
C ASP B 402 7.65 -28.53 -12.07
N LEU B 403 6.43 -28.11 -12.38
CA LEU B 403 5.50 -28.94 -13.11
C LEU B 403 5.94 -29.03 -14.58
N LYS B 404 6.22 -27.87 -15.16
CA LYS B 404 6.63 -27.75 -16.56
C LYS B 404 7.96 -28.46 -16.80
N ALA B 405 8.81 -28.46 -15.77
CA ALA B 405 10.15 -29.04 -15.86
C ALA B 405 10.13 -30.56 -15.79
N HIS B 406 9.56 -31.12 -14.73
CA HIS B 406 9.45 -32.57 -14.60
C HIS B 406 8.69 -33.16 -15.80
N GLY B 407 7.79 -32.36 -16.36
CA GLY B 407 6.98 -32.76 -17.49
C GLY B 407 7.80 -32.88 -18.76
N PHE B 408 8.63 -31.88 -19.02
CA PHE B 408 9.57 -31.93 -20.13
C PHE B 408 10.56 -33.09 -19.95
N ASP B 409 11.29 -33.05 -18.83
CA ASP B 409 12.25 -34.09 -18.41
C ASP B 409 11.77 -35.48 -18.78
N THR B 410 10.46 -35.66 -18.69
CA THR B 410 9.84 -36.95 -18.93
C THR B 410 9.68 -37.24 -20.40
N LEU B 411 9.05 -36.36 -21.18
CA LEU B 411 8.91 -36.70 -22.59
C LEU B 411 10.22 -36.60 -23.37
N LEU B 412 11.21 -35.97 -22.74
CA LEU B 412 12.56 -35.94 -23.28
C LEU B 412 13.44 -37.00 -22.63
N GLN B 413 12.84 -38.00 -22.01
CA GLN B 413 13.64 -39.04 -21.41
C GLN B 413 14.04 -40.05 -22.46
N SER B 414 13.12 -40.35 -23.37
CA SER B 414 13.34 -41.42 -24.33
C SER B 414 14.33 -41.03 -25.41
N LEU B 415 14.26 -39.79 -25.87
CA LEU B 415 15.16 -39.34 -26.93
C LEU B 415 16.57 -39.06 -26.42
N PHE B 416 16.71 -38.73 -25.14
CA PHE B 416 18.03 -38.51 -24.57
C PHE B 416 18.78 -39.80 -24.29
N LEU B 417 18.08 -40.93 -24.25
CA LEU B 417 18.75 -42.21 -24.02
C LEU B 417 18.95 -43.02 -25.30
N ASP B 418 18.62 -42.40 -26.44
CA ASP B 418 18.95 -42.97 -27.75
C ASP B 418 20.06 -42.11 -28.33
N LEU B 419 20.56 -41.20 -27.50
CA LEU B 419 21.63 -40.33 -27.88
C LEU B 419 22.76 -40.55 -26.89
N LYS B 420 22.50 -41.38 -25.88
CA LYS B 420 23.53 -41.73 -24.92
C LYS B 420 24.65 -42.56 -25.56
N PRO B 421 24.28 -43.55 -26.41
CA PRO B 421 25.31 -44.25 -27.19
C PRO B 421 25.78 -43.51 -28.45
N LEU B 422 24.86 -42.93 -29.23
CA LEU B 422 25.22 -42.22 -30.47
C LEU B 422 26.34 -41.22 -30.27
N PHE B 423 26.34 -40.59 -29.10
CA PHE B 423 27.38 -39.65 -28.72
C PHE B 423 28.66 -40.31 -28.22
N LYS B 424 28.59 -41.56 -27.78
CA LYS B 424 29.80 -42.28 -27.40
C LYS B 424 30.66 -42.50 -28.65
N LYS B 425 29.99 -42.73 -29.77
CA LYS B 425 30.66 -43.01 -31.04
C LYS B 425 31.70 -41.98 -31.47
N PHE B 426 31.73 -40.84 -30.80
CA PHE B 426 32.74 -39.86 -31.14
C PHE B 426 34.06 -40.27 -30.55
N THR B 427 34.13 -40.35 -29.23
CA THR B 427 35.35 -40.78 -28.57
C THR B 427 35.63 -42.24 -28.93
N GLN B 428 34.57 -42.96 -29.31
CA GLN B 428 34.68 -44.34 -29.72
C GLN B 428 35.28 -44.51 -31.11
N THR B 429 34.92 -43.64 -32.05
CA THR B 429 35.55 -43.66 -33.37
C THR B 429 36.77 -42.77 -33.46
N ARG B 430 37.30 -42.34 -32.31
CA ARG B 430 38.35 -41.34 -32.28
C ARG B 430 38.05 -40.22 -33.27
N TRP B 431 36.76 -39.95 -33.48
CA TRP B 431 36.29 -38.88 -34.35
C TRP B 431 36.60 -39.17 -35.80
N ALA B 432 36.49 -40.43 -36.18
CA ALA B 432 36.86 -40.88 -37.51
C ALA B 432 36.04 -40.20 -38.58
N ASN B 433 34.72 -40.32 -38.44
CA ASN B 433 33.77 -39.66 -39.33
C ASN B 433 32.77 -38.91 -38.47
N PRO B 434 33.16 -37.73 -37.97
CA PRO B 434 32.24 -37.00 -37.11
C PRO B 434 30.95 -36.59 -37.83
N VAL B 435 31.05 -36.20 -39.10
CA VAL B 435 29.89 -35.63 -39.80
C VAL B 435 28.73 -36.62 -39.86
N GLU B 436 29.00 -37.81 -40.35
CA GLU B 436 27.97 -38.84 -40.40
C GLU B 436 27.44 -39.19 -39.01
N THR B 437 28.32 -39.24 -38.01
CA THR B 437 27.87 -39.56 -36.65
C THR B 437 26.87 -38.53 -36.17
N LEU B 438 27.15 -37.25 -36.40
CA LEU B 438 26.20 -36.21 -36.05
C LEU B 438 24.96 -36.22 -36.97
N GLU B 439 25.08 -36.86 -38.12
CA GLU B 439 23.91 -37.02 -38.99
C GLU B 439 22.99 -38.06 -38.39
N GLU B 440 23.58 -39.07 -37.78
CA GLU B 440 22.86 -40.14 -37.11
C GLU B 440 22.11 -39.51 -35.95
N ILE B 441 22.85 -38.70 -35.19
CA ILE B 441 22.26 -37.96 -34.07
C ILE B 441 21.11 -37.02 -34.47
N ILE B 442 21.33 -36.20 -35.48
CA ILE B 442 20.29 -35.27 -35.95
C ILE B 442 19.07 -35.98 -36.52
N THR B 443 19.28 -37.08 -37.21
CA THR B 443 18.15 -37.86 -37.70
C THR B 443 17.34 -38.44 -36.54
N THR B 444 18.03 -39.05 -35.56
CA THR B 444 17.36 -39.57 -34.35
C THR B 444 16.56 -38.48 -33.65
N VAL B 445 17.13 -37.29 -33.58
CA VAL B 445 16.45 -36.15 -32.99
C VAL B 445 15.20 -35.78 -33.79
N SER B 446 15.33 -35.75 -35.12
CA SER B 446 14.22 -35.28 -35.95
C SER B 446 13.07 -36.29 -36.05
N SER B 447 13.24 -37.46 -35.43
CA SER B 447 12.16 -38.44 -35.35
C SER B 447 11.20 -38.09 -34.22
N SER B 448 11.58 -37.09 -33.42
CA SER B 448 10.82 -36.70 -32.24
C SER B 448 10.01 -35.43 -32.41
N LEU B 449 10.43 -34.58 -33.33
CA LEU B 449 9.67 -33.37 -33.67
C LEU B 449 8.18 -33.59 -34.05
N PRO B 450 7.84 -34.72 -34.73
CA PRO B 450 6.43 -35.00 -34.96
C PRO B 450 5.53 -35.02 -33.71
N GLU B 451 5.90 -35.76 -32.67
CA GLU B 451 5.04 -35.84 -31.48
C GLU B 451 4.77 -34.46 -30.91
N PHE B 452 5.73 -33.56 -31.03
CA PHE B 452 5.74 -32.29 -30.29
C PHE B 452 5.11 -31.08 -30.99
N SER B 453 4.42 -31.32 -32.11
CA SER B 453 3.70 -30.26 -32.79
C SER B 453 2.67 -29.63 -31.86
N GLU B 454 2.08 -30.50 -31.02
CA GLU B 454 0.91 -30.19 -30.19
C GLU B 454 1.16 -29.25 -29.01
N LEU B 455 2.35 -29.31 -28.43
CA LEU B 455 2.75 -28.34 -27.43
C LEU B 455 2.55 -26.92 -27.97
N GLN B 456 2.21 -25.99 -27.10
CA GLN B 456 1.91 -24.61 -27.50
C GLN B 456 3.08 -24.00 -28.25
N ASP B 457 2.78 -23.15 -29.24
CA ASP B 457 3.83 -22.51 -30.02
C ASP B 457 4.76 -21.72 -29.12
N CYS B 458 4.24 -21.33 -27.97
CA CYS B 458 5.03 -20.67 -26.94
C CYS B 458 6.03 -21.66 -26.29
N PHE B 459 5.60 -22.91 -26.17
CA PHE B 459 6.31 -23.91 -25.37
C PHE B 459 7.13 -24.88 -26.19
N ARG B 460 6.86 -24.97 -27.48
CA ARG B 460 7.61 -25.89 -28.31
C ARG B 460 9.02 -25.39 -28.49
N GLU B 461 9.19 -24.07 -28.54
CA GLU B 461 10.52 -23.51 -28.74
C GLU B 461 11.32 -23.52 -27.44
N GLU B 462 10.61 -23.45 -26.33
CA GLU B 462 11.22 -23.55 -25.02
C GLU B 462 11.82 -24.94 -24.87
N LEU B 463 11.22 -25.91 -25.57
CA LEU B 463 11.73 -27.28 -25.60
C LEU B 463 12.88 -27.41 -26.60
N MSE B 464 12.67 -26.88 -27.79
CA MSE B 464 13.69 -26.93 -28.81
C MSE B 464 14.99 -26.37 -28.23
O MSE B 464 16.05 -26.95 -28.42
CB MSE B 464 13.24 -26.19 -30.06
CG MSE B 464 14.00 -26.57 -31.32
SE MSE B 464 14.14 -28.50 -31.68
CE MSE B 464 12.32 -28.76 -32.36
N GLU B 465 14.92 -25.28 -27.46
CA GLU B 465 16.09 -24.75 -26.78
C GLU B 465 16.72 -25.77 -25.82
N THR B 466 15.90 -26.64 -25.25
CA THR B 466 16.43 -27.70 -24.39
C THR B 466 17.24 -28.65 -25.23
N VAL B 467 16.59 -29.25 -26.22
CA VAL B 467 17.25 -30.18 -27.13
C VAL B 467 18.59 -29.62 -27.62
N HIS B 468 18.54 -28.45 -28.24
CA HIS B 468 19.73 -27.67 -28.58
C HIS B 468 20.80 -27.70 -27.49
N LEU B 469 20.46 -27.24 -26.28
CA LEU B 469 21.47 -27.28 -25.23
C LEU B 469 21.97 -28.70 -24.95
N HIS B 470 21.15 -29.72 -25.17
CA HIS B 470 21.60 -31.07 -24.90
C HIS B 470 22.64 -31.50 -25.93
N LEU B 471 22.35 -31.22 -27.20
CA LEU B 471 23.31 -31.48 -28.25
C LEU B 471 24.65 -30.83 -27.93
N VAL B 472 24.69 -29.50 -27.88
CA VAL B 472 25.97 -28.84 -27.62
C VAL B 472 26.65 -29.34 -26.33
N LYS B 473 25.84 -29.63 -25.32
CA LYS B 473 26.36 -30.07 -24.02
C LYS B 473 27.08 -31.41 -24.17
N GLU B 474 26.36 -32.39 -24.72
CA GLU B 474 26.87 -33.74 -24.85
C GLU B 474 28.10 -33.73 -25.76
N TYR B 475 28.10 -32.81 -26.73
CA TYR B 475 29.23 -32.70 -27.65
C TYR B 475 30.48 -32.19 -26.93
N ILE B 476 30.37 -31.10 -26.18
CA ILE B 476 31.52 -30.61 -25.41
C ILE B 476 31.96 -31.65 -24.37
N ILE B 477 31.00 -32.46 -23.95
CA ILE B 477 31.29 -33.58 -23.06
C ILE B 477 32.22 -34.60 -23.74
N ARG B 478 31.89 -34.99 -24.97
CA ARG B 478 32.77 -35.91 -25.72
C ARG B 478 34.12 -35.30 -26.01
N LEU B 479 34.15 -34.04 -26.42
CA LEU B 479 35.43 -33.36 -26.58
C LEU B 479 36.23 -33.34 -25.29
N CYS B 480 35.56 -33.45 -24.15
CA CYS B 480 36.29 -33.34 -22.89
C CYS B 480 36.78 -34.66 -22.26
N LYS B 481 36.38 -35.79 -22.84
CA LYS B 481 36.73 -37.14 -22.33
C LYS B 481 38.22 -37.42 -22.19
N ARG B 482 39.02 -36.46 -22.63
CA ARG B 482 40.46 -36.62 -22.83
C ARG B 482 40.91 -38.03 -23.20
N ARG B 483 40.29 -38.58 -24.24
CA ARG B 483 40.67 -39.88 -24.80
C ARG B 483 41.31 -39.75 -26.19
N LEU B 484 41.10 -38.61 -26.85
CA LEU B 484 41.75 -38.33 -28.12
C LEU B 484 42.95 -37.46 -27.83
N VAL B 485 44.09 -37.77 -28.44
CA VAL B 485 45.24 -36.87 -28.38
C VAL B 485 45.65 -36.59 -29.80
N LEU B 486 45.69 -35.32 -30.18
CA LEU B 486 46.21 -34.97 -31.48
C LEU B 486 47.64 -34.48 -31.34
N LYS B 487 48.54 -35.08 -32.09
CA LYS B 487 49.96 -34.81 -31.92
C LYS B 487 50.48 -33.97 -33.07
N THR B 488 49.65 -33.71 -34.06
CA THR B 488 50.08 -32.98 -35.25
C THR B 488 49.19 -31.80 -35.54
N ALA B 489 49.79 -30.65 -35.84
CA ALA B 489 49.04 -29.50 -36.33
C ALA B 489 47.99 -29.84 -37.41
N GLU B 490 48.33 -30.73 -38.33
CA GLU B 490 47.42 -31.00 -39.44
C GLU B 490 46.20 -31.80 -39.02
N GLN B 491 46.38 -32.67 -38.04
CA GLN B 491 45.23 -33.45 -37.55
C GLN B 491 44.36 -32.66 -36.56
N GLN B 492 44.97 -31.74 -35.81
CA GLN B 492 44.22 -30.80 -34.99
C GLN B 492 43.34 -29.97 -35.89
N GLN B 493 43.94 -29.46 -36.97
CA GLN B 493 43.17 -28.73 -37.97
C GLN B 493 42.04 -29.56 -38.59
N GLN B 494 42.36 -30.81 -38.97
CA GLN B 494 41.37 -31.73 -39.53
C GLN B 494 40.17 -31.80 -38.59
N LEU B 495 40.48 -31.96 -37.30
CA LEU B 495 39.47 -32.02 -36.26
C LEU B 495 38.62 -30.80 -36.28
N ALA B 496 39.20 -29.67 -35.90
CA ALA B 496 38.46 -28.42 -35.85
C ALA B 496 37.62 -28.16 -37.11
N ARG B 497 38.10 -28.67 -38.25
CA ARG B 497 37.33 -28.57 -39.47
C ARG B 497 36.07 -29.38 -39.32
N HIS B 498 36.23 -30.64 -38.90
CA HIS B 498 35.09 -31.51 -38.60
C HIS B 498 34.11 -30.82 -37.65
N ILE B 499 34.66 -30.35 -36.52
CA ILE B 499 33.91 -29.74 -35.44
C ILE B 499 33.03 -28.61 -35.95
N LEU B 500 33.63 -27.64 -36.63
CA LEU B 500 32.85 -26.54 -37.18
C LEU B 500 31.79 -27.05 -38.14
N ALA B 501 32.15 -28.04 -38.96
CA ALA B 501 31.19 -28.63 -39.91
C ALA B 501 29.98 -29.27 -39.21
N ASN B 502 30.18 -29.62 -37.94
CA ASN B 502 29.09 -30.10 -37.09
C ASN B 502 28.28 -28.99 -36.45
N ALA B 503 28.99 -28.00 -35.90
CA ALA B 503 28.37 -26.85 -35.28
C ALA B 503 27.42 -26.19 -36.25
N ASP B 504 27.80 -26.14 -37.53
CA ASP B 504 26.95 -25.57 -38.57
C ASP B 504 25.60 -26.28 -38.60
N ALA B 505 25.67 -27.60 -38.65
CA ALA B 505 24.49 -28.45 -38.78
C ALA B 505 23.59 -28.32 -37.57
N ILE B 506 24.19 -28.45 -36.39
CA ILE B 506 23.47 -28.24 -35.16
C ILE B 506 22.74 -26.90 -35.23
N GLN B 507 23.51 -25.82 -35.23
CA GLN B 507 22.98 -24.46 -35.14
C GLN B 507 21.83 -24.24 -36.09
N GLY B 508 22.05 -24.59 -37.35
CA GLY B 508 21.05 -24.35 -38.38
C GLY B 508 19.83 -25.24 -38.31
N PHE B 509 20.03 -26.49 -37.91
CA PHE B 509 18.92 -27.43 -37.76
C PHE B 509 18.04 -27.03 -36.58
N CYS B 510 18.68 -26.68 -35.47
CA CYS B 510 17.94 -26.21 -34.33
C CYS B 510 17.18 -24.93 -34.66
N THR B 511 17.90 -23.90 -35.14
CA THR B 511 17.28 -22.61 -35.37
C THR B 511 16.20 -22.61 -36.44
N GLU B 512 16.35 -23.45 -37.44
CA GLU B 512 15.28 -23.60 -38.41
C GLU B 512 14.10 -24.35 -37.78
N ASN B 513 14.38 -25.18 -36.77
CA ASN B 513 13.32 -25.91 -36.09
C ASN B 513 12.70 -25.18 -34.92
N GLY B 514 13.09 -23.93 -34.75
CA GLY B 514 12.42 -23.06 -33.81
C GLY B 514 13.19 -22.71 -32.56
N SER B 515 14.32 -23.38 -32.34
CA SER B 515 15.16 -23.02 -31.20
C SER B 515 15.64 -21.61 -31.38
N THR B 516 15.29 -20.73 -30.46
CA THR B 516 15.77 -19.37 -30.55
C THR B 516 16.95 -19.14 -29.61
N ALA B 517 17.77 -20.18 -29.45
CA ALA B 517 18.94 -20.11 -28.60
C ALA B 517 20.08 -19.44 -29.34
N THR B 518 20.38 -18.19 -28.98
CA THR B 518 21.50 -17.54 -29.63
C THR B 518 22.76 -17.87 -28.89
N TRP B 519 22.69 -17.92 -27.56
CA TRP B 519 23.92 -18.01 -26.76
C TRP B 519 24.83 -19.19 -27.13
N LEU B 520 24.23 -20.28 -27.59
CA LEU B 520 24.96 -21.49 -27.91
C LEU B 520 25.77 -21.45 -29.23
N HIS B 521 25.55 -20.43 -30.04
CA HIS B 521 26.21 -20.41 -31.35
C HIS B 521 27.73 -20.36 -31.19
N ARG B 522 28.22 -19.47 -30.36
CA ARG B 522 29.67 -19.38 -30.19
C ARG B 522 30.26 -20.56 -29.38
N ALA B 523 29.46 -21.57 -29.07
CA ALA B 523 29.94 -22.61 -28.15
C ALA B 523 30.93 -23.55 -28.76
N LEU B 524 30.53 -24.20 -29.84
CA LEU B 524 31.36 -25.19 -30.52
C LEU B 524 32.39 -24.58 -31.46
N PRO B 525 32.01 -23.60 -32.28
CA PRO B 525 33.04 -23.02 -33.14
C PRO B 525 34.28 -22.53 -32.40
N MSE B 526 34.14 -21.75 -31.35
CA MSE B 526 35.32 -21.14 -30.76
C MSE B 526 36.20 -22.14 -30.06
O MSE B 526 37.34 -21.83 -29.71
CB MSE B 526 34.94 -20.03 -29.80
CG MSE B 526 34.43 -18.79 -30.45
SE MSE B 526 34.02 -17.47 -29.10
CE MSE B 526 35.83 -17.18 -28.45
N ILE B 527 35.68 -23.34 -29.84
CA ILE B 527 36.50 -24.44 -29.34
C ILE B 527 37.33 -25.02 -30.48
N ALA B 528 36.69 -25.32 -31.60
CA ALA B 528 37.39 -25.71 -32.82
C ALA B 528 38.53 -24.75 -33.06
N GLU B 529 38.22 -23.46 -33.11
CA GLU B 529 39.25 -22.43 -33.18
C GLU B 529 40.29 -22.43 -32.04
N ILE B 530 40.09 -23.24 -31.00
CA ILE B 530 41.08 -23.29 -29.94
C ILE B 530 42.00 -24.48 -30.17
N ILE B 531 41.41 -25.58 -30.62
CA ILE B 531 42.17 -26.75 -31.03
C ILE B 531 42.88 -26.46 -32.35
N ARG B 532 42.30 -25.60 -33.18
CA ARG B 532 42.89 -25.31 -34.49
C ARG B 532 44.09 -24.41 -34.38
N LEU B 533 44.02 -23.42 -33.50
CA LEU B 533 45.09 -22.45 -33.38
C LEU B 533 46.40 -23.09 -32.95
N GLN B 534 47.50 -22.43 -33.31
CA GLN B 534 48.80 -22.99 -33.07
C GLN B 534 49.70 -22.03 -32.31
N ASP B 535 49.61 -20.74 -32.62
CA ASP B 535 50.42 -19.75 -31.90
C ASP B 535 50.01 -19.72 -30.42
N SER B 536 50.99 -19.69 -29.53
CA SER B 536 50.74 -19.61 -28.08
C SER B 536 49.75 -18.48 -27.77
N SER B 537 50.21 -17.26 -28.05
CA SER B 537 49.44 -16.04 -27.77
C SER B 537 48.04 -16.04 -28.37
N ALA B 538 47.93 -16.46 -29.62
CA ALA B 538 46.63 -16.60 -30.30
C ALA B 538 45.66 -17.47 -29.50
N ILE B 539 46.20 -18.54 -28.94
CA ILE B 539 45.43 -19.43 -28.08
C ILE B 539 44.99 -18.70 -26.81
N LYS B 540 45.94 -17.99 -26.19
CA LYS B 540 45.63 -17.22 -24.98
C LYS B 540 44.43 -16.30 -25.23
N ILE B 541 44.51 -15.54 -26.30
CA ILE B 541 43.45 -14.63 -26.71
C ILE B 541 42.12 -15.32 -27.00
N GLU B 542 42.13 -16.39 -27.78
CA GLU B 542 40.86 -17.04 -28.11
C GLU B 542 40.22 -17.69 -26.89
N VAL B 543 41.04 -18.05 -25.90
CA VAL B 543 40.49 -18.59 -24.65
C VAL B 543 40.00 -17.53 -23.65
N ALA B 544 40.68 -16.40 -23.54
CA ALA B 544 40.14 -15.30 -22.76
C ALA B 544 38.81 -14.78 -23.36
N THR B 545 38.76 -14.62 -24.67
CA THR B 545 37.51 -14.24 -25.30
C THR B 545 36.47 -15.32 -25.04
N TYR B 546 36.90 -16.58 -25.07
CA TYR B 546 35.97 -17.65 -24.79
C TYR B 546 35.58 -17.71 -23.32
N ALA B 547 36.28 -16.98 -22.47
CA ALA B 547 35.89 -16.94 -21.07
C ALA B 547 34.76 -15.96 -21.01
N THR B 548 34.90 -14.88 -21.79
CA THR B 548 33.83 -13.88 -21.83
C THR B 548 32.46 -14.45 -22.25
N TRP B 549 32.26 -14.80 -23.52
CA TRP B 549 31.08 -15.61 -23.83
C TRP B 549 31.30 -16.84 -22.98
N TYR B 550 30.27 -17.33 -22.28
CA TYR B 550 30.40 -18.51 -21.40
C TYR B 550 31.43 -18.33 -20.27
N PRO B 551 31.06 -17.62 -19.20
CA PRO B 551 31.97 -17.56 -18.04
C PRO B 551 31.89 -18.73 -17.05
N ASP B 552 31.14 -19.80 -17.35
CA ASP B 552 31.13 -20.97 -16.49
C ASP B 552 32.17 -21.96 -16.98
N PHE B 553 32.84 -21.58 -18.06
CA PHE B 553 34.01 -22.25 -18.57
C PHE B 553 35.14 -22.05 -17.56
N SER B 554 35.66 -23.14 -17.01
CA SER B 554 36.68 -23.08 -15.96
C SER B 554 38.04 -23.55 -16.45
N LYS B 555 38.99 -23.65 -15.53
CA LYS B 555 40.30 -24.20 -15.86
C LYS B 555 40.17 -25.66 -16.28
N GLY B 556 39.33 -26.42 -15.58
CA GLY B 556 39.20 -27.84 -15.81
C GLY B 556 38.80 -28.17 -17.22
N HIS B 557 37.86 -27.40 -17.74
CA HIS B 557 37.40 -27.60 -19.10
C HIS B 557 38.50 -27.24 -20.09
N LEU B 558 39.09 -26.09 -19.83
CA LEU B 558 40.20 -25.58 -20.62
C LEU B 558 41.25 -26.66 -20.77
N ASN B 559 41.55 -27.34 -19.66
CA ASN B 559 42.54 -28.42 -19.60
C ASN B 559 42.16 -29.68 -20.37
N ALA B 560 40.94 -30.16 -20.16
CA ALA B 560 40.50 -31.29 -20.98
C ALA B 560 40.57 -30.94 -22.48
N ILE B 561 40.55 -29.64 -22.80
CA ILE B 561 40.71 -29.18 -24.19
C ILE B 561 42.19 -29.07 -24.64
N LEU B 562 43.06 -28.67 -23.73
CA LEU B 562 44.47 -28.70 -24.03
C LEU B 562 44.98 -30.15 -24.01
N ALA B 563 44.10 -31.09 -23.70
CA ALA B 563 44.48 -32.51 -23.78
C ALA B 563 44.55 -32.98 -25.23
N ILE B 564 43.51 -32.70 -26.03
CA ILE B 564 43.52 -33.10 -27.44
C ILE B 564 44.39 -32.18 -28.29
N LYS B 565 45.24 -31.41 -27.61
CA LYS B 565 46.03 -30.38 -28.25
C LYS B 565 47.48 -30.86 -28.29
N GLY B 566 47.83 -31.70 -27.31
CA GLY B 566 49.07 -32.48 -27.28
C GLY B 566 50.36 -31.99 -27.93
N ASN B 567 50.52 -30.68 -28.10
CA ASN B 567 51.75 -30.10 -28.64
C ASN B 567 52.41 -29.18 -27.64
N LEU B 568 51.77 -29.03 -26.49
CA LEU B 568 52.07 -27.95 -25.58
C LEU B 568 52.98 -28.39 -24.46
N PRO B 569 54.12 -27.70 -24.31
CA PRO B 569 55.08 -27.88 -23.21
C PRO B 569 54.50 -27.51 -21.82
N SER B 570 55.21 -26.73 -21.02
CA SER B 570 54.60 -26.20 -19.80
C SER B 570 53.91 -24.88 -20.13
N SER B 571 53.86 -24.55 -21.42
CA SER B 571 53.03 -23.46 -21.95
C SER B 571 51.55 -23.72 -21.60
N GLU B 572 51.23 -24.97 -21.29
CA GLU B 572 49.95 -25.31 -20.68
C GLU B 572 49.64 -24.31 -19.60
N VAL B 573 50.54 -24.17 -18.64
CA VAL B 573 50.29 -23.31 -17.47
C VAL B 573 50.33 -21.80 -17.81
N ARG B 574 50.77 -21.48 -19.03
CA ARG B 574 50.63 -20.11 -19.52
C ARG B 574 49.19 -19.85 -19.91
N SER B 575 48.54 -20.86 -20.49
CA SER B 575 47.14 -20.73 -20.86
C SER B 575 46.22 -21.10 -19.69
N ILE B 576 46.61 -22.09 -18.88
CA ILE B 576 45.87 -22.45 -17.65
C ILE B 576 45.66 -21.17 -16.87
N ARG B 577 46.75 -20.48 -16.55
CA ARG B 577 46.67 -19.28 -15.71
C ARG B 577 45.85 -18.15 -16.31
N ASN B 578 45.33 -18.34 -17.52
CA ASN B 578 44.43 -17.37 -18.13
C ASN B 578 43.05 -17.39 -17.49
N ILE B 579 42.62 -18.55 -17.04
CA ILE B 579 41.25 -18.70 -16.60
C ILE B 579 41.09 -18.39 -15.09
N LEU B 580 42.16 -18.59 -14.32
CA LEU B 580 42.12 -18.34 -12.86
C LEU B 580 41.67 -16.92 -12.54
N ASP B 581 41.90 -16.02 -13.48
CA ASP B 581 41.45 -14.62 -13.42
C ASP B 581 39.96 -14.51 -13.10
N GLU B 588 26.34 -11.23 -13.97
CA GLU B 588 25.78 -11.79 -12.73
C GLU B 588 25.08 -13.16 -12.86
N PRO B 589 24.19 -13.35 -13.86
CA PRO B 589 23.51 -14.66 -13.96
C PRO B 589 24.01 -15.58 -15.09
N PRO B 590 25.11 -16.31 -14.87
CA PRO B 590 25.67 -17.09 -15.98
C PRO B 590 24.76 -18.24 -16.39
N ARG B 591 24.13 -18.12 -17.57
CA ARG B 591 23.35 -19.19 -18.18
C ARG B 591 24.16 -20.48 -18.21
N PRO B 592 23.77 -21.48 -17.41
CA PRO B 592 24.64 -22.64 -17.28
C PRO B 592 24.84 -23.38 -18.61
N LEU B 593 26.12 -23.51 -18.98
CA LEU B 593 26.53 -24.44 -20.04
C LEU B 593 27.61 -25.36 -19.47
N PHE B 594 28.70 -24.76 -19.01
CA PHE B 594 29.82 -25.55 -18.50
C PHE B 594 29.53 -26.06 -17.07
N SER B 595 28.56 -25.44 -16.41
CA SER B 595 28.10 -25.86 -15.09
C SER B 595 27.49 -27.26 -15.16
N LEU B 596 26.84 -27.57 -16.28
CA LEU B 596 26.19 -28.87 -16.46
C LEU B 596 27.18 -29.88 -16.99
N ILE B 597 28.46 -29.55 -16.83
CA ILE B 597 29.54 -30.34 -17.40
C ILE B 597 30.59 -30.65 -16.32
N LYS B 598 30.50 -31.88 -15.82
CA LYS B 598 31.26 -32.28 -14.65
C LYS B 598 32.71 -32.56 -15.01
N VAL B 599 33.62 -31.75 -14.49
CA VAL B 599 35.05 -31.95 -14.75
C VAL B 599 35.70 -32.93 -13.76
N THR B 600 36.42 -33.91 -14.32
CA THR B 600 37.20 -34.90 -13.55
C THR B 600 36.37 -35.87 -12.68
#